data_8TX8
#
_entry.id   8TX8
#
_cell.length_a   76.103
_cell.length_b   59.582
_cell.length_c   101.450
_cell.angle_alpha   90.00
_cell.angle_beta   93.77
_cell.angle_gamma   90.00
#
_symmetry.space_group_name_H-M   'P 1 21 1'
#
loop_
_entity.id
_entity.type
_entity.pdbx_description
1 polymer 'Histone-binding protein RBBP4'
2 polymer 'Zinc finger protein 512B'
3 non-polymer 'FORMIC ACID'
4 non-polymer 1,2-ETHANEDIOL
5 non-polymer 'ACETATE ION'
6 non-polymer 'OXAMIC ACID'
7 water water
#
loop_
_entity_poly.entity_id
_entity_poly.type
_entity_poly.pdbx_seq_one_letter_code
_entity_poly.pdbx_strand_id
1 'polypeptide(L)'
;MGSSHHHHHHSSGLVPRGSHMADKEAAFDDAVEERVINEEYKIWKKNTPFLYDLVMTHALEWPSLTAQWLPDVTRPEGKD
FSIHRLVLGTHTSDEQNHLVIASVQLPNDDAQFDASHYDSEKGEFGGFGSVSGKIEIEIKINHEGEVNRARYMPQNPCII
ATKTPSSDVLVFDYTKHPSKPDPSGECNPDLRLRGHQKEGYGLSWNPNLSGHLLSASDDHTICLWDISAVPKEGKVVDAK
TIFTGHTAVVEDVSWHLLHESLFGSVADDQKLMIWDTRSNNTSKPSHSVDAHTAEVNCLSFNPYSEFILATGSADKTVAL
WDLRNLKLKLHSFESHKDEIFQVQWSPHNETILASSGTDRRLNVWDLSKIGEEQSPEDAEDGPPELLFIHGGHTAKISDF
SWNPNEPWVICSVSEDNIMQVWQMAENIYNDEDPEGSVDPEGQGS
;
A,B
2 'polypeptide(L)' (ACE)KHRRKQKTPKKF C,D
#
# COMPACT_ATOMS: atom_id res chain seq x y z
N ASP A 30 22.14 17.98 18.40
CA ASP A 30 23.45 17.52 18.92
C ASP A 30 23.35 16.03 19.25
N ALA A 31 22.81 15.21 18.34
CA ALA A 31 22.73 13.74 18.51
C ALA A 31 23.99 13.11 17.90
N VAL A 32 25.13 13.26 18.59
CA VAL A 32 26.41 12.62 18.12
C VAL A 32 26.16 11.51 19.10
N GLU A 33 25.39 10.49 18.71
CA GLU A 33 25.47 9.10 19.22
C GLU A 33 26.38 8.54 18.16
N GLU A 34 26.42 9.12 16.96
CA GLU A 34 27.28 8.67 15.83
C GLU A 34 28.74 8.64 16.24
N ARG A 35 29.15 9.50 17.17
CA ARG A 35 30.55 9.53 17.67
C ARG A 35 30.77 8.28 18.51
N VAL A 36 29.86 8.01 19.43
CA VAL A 36 29.94 6.80 20.29
C VAL A 36 29.95 5.57 19.37
N ILE A 37 29.01 5.53 18.43
CA ILE A 37 28.92 4.38 17.49
C ILE A 37 30.27 4.17 16.81
N ASN A 38 30.74 5.13 16.04
CA ASN A 38 32.00 4.96 15.27
C ASN A 38 33.14 4.43 16.16
N GLU A 39 33.28 4.96 17.37
CA GLU A 39 34.43 4.56 18.23
C GLU A 39 34.22 3.12 18.70
N GLU A 40 33.03 2.81 19.20
CA GLU A 40 32.73 1.42 19.61
C GLU A 40 33.01 0.47 18.45
N TYR A 41 32.58 0.85 17.24
CA TYR A 41 32.78 -0.02 16.06
C TYR A 41 34.26 -0.31 15.87
N LYS A 42 35.08 0.73 16.00
CA LYS A 42 36.54 0.57 15.82
C LYS A 42 37.04 -0.48 16.81
N ILE A 43 36.66 -0.33 18.08
CA ILE A 43 37.13 -1.29 19.08
C ILE A 43 36.60 -2.68 18.78
N TRP A 44 35.35 -2.76 18.30
CA TRP A 44 34.80 -4.05 17.90
C TRP A 44 35.62 -4.65 16.75
N LYS A 45 35.87 -3.85 15.70
CA LYS A 45 36.58 -4.35 14.54
C LYS A 45 37.98 -4.85 14.89
N LYS A 46 38.63 -4.21 15.86
CA LYS A 46 39.94 -4.70 16.30
C LYS A 46 39.82 -6.01 17.07
N ASN A 47 38.67 -6.25 17.69
CA ASN A 47 38.47 -7.44 18.51
C ASN A 47 37.63 -8.52 17.81
N THR A 48 37.41 -8.41 16.51
CA THR A 48 36.68 -9.49 15.79
C THR A 48 37.42 -10.84 15.93
N PRO A 49 38.76 -10.92 15.82
CA PRO A 49 39.46 -12.21 15.84
C PRO A 49 39.35 -13.01 17.13
N PHE A 50 39.24 -12.34 18.27
CA PHE A 50 39.22 -13.06 19.56
C PHE A 50 37.79 -13.41 19.98
N LEU A 51 36.77 -12.88 19.31
CA LEU A 51 35.39 -13.10 19.77
C LEU A 51 34.58 -13.80 18.67
N TYR A 52 35.17 -13.93 17.47
CA TYR A 52 34.38 -14.50 16.39
C TYR A 52 35.16 -15.59 15.67
N ASP A 53 34.44 -16.62 15.23
CA ASP A 53 34.98 -17.61 14.30
C ASP A 53 34.61 -17.32 12.85
N LEU A 54 33.71 -16.36 12.61
CA LEU A 54 33.32 -15.98 11.27
C LEU A 54 32.70 -14.59 11.32
N VAL A 55 33.13 -13.72 10.40
CA VAL A 55 32.58 -12.37 10.28
C VAL A 55 32.48 -12.05 8.79
N MET A 56 31.27 -11.97 8.27
CA MET A 56 31.02 -11.53 6.90
C MET A 56 30.15 -10.28 6.93
N THR A 57 30.62 -9.22 6.29
CA THR A 57 29.88 -7.97 6.20
C THR A 57 29.60 -7.66 4.74
N HIS A 58 28.36 -7.30 4.44
CA HIS A 58 27.93 -7.00 3.08
C HIS A 58 26.94 -5.86 3.11
N ALA A 59 27.21 -4.82 2.34
CA ALA A 59 26.31 -3.67 2.23
C ALA A 59 25.31 -3.91 1.10
N LEU A 60 24.03 -3.87 1.43
CA LEU A 60 22.99 -4.09 0.43
C LEU A 60 22.70 -2.78 -0.30
N GLU A 61 22.11 -2.92 -1.50
CA GLU A 61 21.71 -1.75 -2.27
C GLU A 61 20.71 -0.91 -1.50
N TRP A 62 19.74 -1.56 -0.85
CA TRP A 62 18.78 -0.95 0.05
C TRP A 62 18.74 -1.76 1.34
N PRO A 63 18.41 -1.12 2.46
CA PRO A 63 18.33 -1.86 3.72
C PRO A 63 17.20 -2.89 3.69
N SER A 64 17.39 -3.95 4.47
CA SER A 64 16.39 -5.01 4.59
C SER A 64 15.77 -4.97 5.97
N LEU A 65 14.44 -5.04 6.02
CA LEU A 65 13.72 -5.10 7.28
C LEU A 65 13.50 -6.54 7.76
N THR A 66 13.84 -7.52 6.94
CA THR A 66 13.58 -8.93 7.25
C THR A 66 14.80 -9.76 6.89
N ALA A 67 14.94 -10.89 7.57
CA ALA A 67 16.03 -11.81 7.30
C ALA A 67 15.64 -13.18 7.83
N GLN A 68 15.78 -14.20 6.99
CA GLN A 68 15.46 -15.56 7.38
C GLN A 68 16.22 -16.52 6.48
N TRP A 69 16.99 -17.41 7.08
CA TRP A 69 17.67 -18.44 6.31
C TRP A 69 16.67 -19.39 5.69
N LEU A 70 16.91 -19.78 4.45
CA LEU A 70 16.16 -20.88 3.86
C LEU A 70 16.70 -22.20 4.38
N PRO A 71 15.84 -23.20 4.55
CA PRO A 71 16.27 -24.44 5.24
C PRO A 71 17.19 -25.31 4.39
N ASP A 72 17.22 -25.13 3.08
CA ASP A 72 18.04 -25.96 2.21
C ASP A 72 19.51 -25.52 2.27
N VAL A 73 20.39 -26.48 2.06
CA VAL A 73 21.83 -26.22 1.98
C VAL A 73 22.45 -27.23 1.02
N THR A 74 23.25 -26.73 0.08
CA THR A 74 23.94 -27.58 -0.88
C THR A 74 25.44 -27.49 -0.67
N ARG A 75 26.08 -28.64 -0.48
CA ARG A 75 27.52 -28.71 -0.26
C ARG A 75 28.19 -29.36 -1.47
N PRO A 76 28.84 -28.60 -2.34
CA PRO A 76 29.47 -29.19 -3.51
C PRO A 76 30.63 -30.10 -3.14
N GLU A 77 30.79 -31.17 -3.92
CA GLU A 77 31.83 -32.15 -3.64
C GLU A 77 33.22 -31.54 -3.87
N GLY A 78 34.15 -31.92 -3.00
CA GLY A 78 35.52 -31.46 -3.14
C GLY A 78 35.72 -29.98 -2.89
N LYS A 79 34.84 -29.36 -2.08
CA LYS A 79 34.94 -27.95 -1.77
C LYS A 79 34.77 -27.75 -0.27
N ASP A 80 35.31 -26.63 0.22
CA ASP A 80 35.32 -26.32 1.65
C ASP A 80 34.16 -25.43 2.07
N PHE A 81 33.20 -25.16 1.19
CA PHE A 81 32.10 -24.29 1.51
C PHE A 81 30.79 -24.87 1.01
N SER A 82 29.72 -24.57 1.72
CA SER A 82 28.36 -24.91 1.33
C SER A 82 27.59 -23.63 1.02
N ILE A 83 26.51 -23.78 0.26
CA ILE A 83 25.72 -22.67 -0.21
C ILE A 83 24.43 -22.63 0.61
N HIS A 84 24.26 -21.56 1.39
CA HIS A 84 23.05 -21.30 2.14
C HIS A 84 22.31 -20.13 1.51
N ARG A 85 21.00 -20.08 1.73
CA ARG A 85 20.17 -19.04 1.15
C ARG A 85 19.41 -18.28 2.24
N LEU A 86 19.15 -17.00 1.96
CA LEU A 86 18.47 -16.11 2.89
C LEU A 86 17.32 -15.43 2.17
N VAL A 87 16.19 -15.32 2.87
CA VAL A 87 15.03 -14.57 2.38
C VAL A 87 15.16 -13.14 2.88
N LEU A 88 15.33 -12.20 1.97
CA LEU A 88 15.51 -10.80 2.30
C LEU A 88 14.43 -9.97 1.62
N GLY A 89 14.47 -8.66 1.88
CA GLY A 89 13.57 -7.72 1.26
C GLY A 89 14.28 -6.40 1.09
N THR A 90 13.60 -5.46 0.46
CA THR A 90 14.12 -4.12 0.30
C THR A 90 13.25 -3.12 1.05
N HIS A 91 13.88 -2.06 1.53
CA HIS A 91 13.19 -0.91 2.11
C HIS A 91 13.75 0.31 1.38
N THR A 92 13.04 0.75 0.34
CA THR A 92 13.45 1.87 -0.48
C THR A 92 12.54 3.06 -0.25
N SER A 93 12.99 4.22 -0.72
CA SER A 93 12.19 5.46 -0.67
C SER A 93 11.49 5.66 -2.02
N ASP A 94 12.00 5.01 -3.06
CA ASP A 94 11.41 5.10 -4.42
C ASP A 94 10.42 3.95 -4.62
N GLU A 95 9.99 3.74 -5.86
CA GLU A 95 8.98 2.69 -6.16
C GLU A 95 9.56 1.45 -6.83
N GLN A 96 10.68 0.97 -6.33
CA GLN A 96 11.34 -0.19 -6.92
C GLN A 96 11.76 -1.17 -5.82
N ASN A 97 10.75 -1.69 -5.12
CA ASN A 97 10.99 -2.64 -4.04
C ASN A 97 10.98 -4.06 -4.56
N HIS A 98 11.68 -4.94 -3.85
CA HIS A 98 11.85 -6.31 -4.31
C HIS A 98 11.89 -7.26 -3.12
N LEU A 99 11.35 -8.46 -3.34
CA LEU A 99 11.59 -9.60 -2.45
C LEU A 99 12.85 -10.30 -2.94
N VAL A 100 13.83 -10.45 -2.05
CA VAL A 100 15.19 -10.83 -2.45
C VAL A 100 15.53 -12.19 -1.84
N ILE A 101 16.19 -13.02 -2.64
CA ILE A 101 16.78 -14.27 -2.17
C ILE A 101 18.27 -14.22 -2.47
N ALA A 102 19.08 -14.24 -1.43
CA ALA A 102 20.53 -14.18 -1.56
C ALA A 102 21.14 -15.53 -1.19
N SER A 103 22.28 -15.82 -1.81
CA SER A 103 23.04 -17.04 -1.53
C SER A 103 24.29 -16.69 -0.74
N VAL A 104 24.65 -17.56 0.19
CA VAL A 104 25.80 -17.34 1.08
C VAL A 104 26.67 -18.58 1.05
N GLN A 105 27.96 -18.38 0.82
CA GLN A 105 28.94 -19.46 0.88
C GLN A 105 29.53 -19.49 2.29
N LEU A 106 29.18 -20.51 3.07
CA LEU A 106 29.65 -20.70 4.43
C LEU A 106 30.74 -21.77 4.46
N PRO A 107 31.81 -21.54 5.23
CA PRO A 107 32.90 -22.54 5.30
C PRO A 107 32.41 -23.87 5.87
N ASN A 108 33.17 -24.92 5.55
CA ASN A 108 32.84 -26.29 5.92
C ASN A 108 31.47 -26.70 5.41
N LYS A 134 31.37 -15.37 0.26
CA LYS A 134 30.78 -14.62 -0.84
C LYS A 134 29.26 -14.59 -0.71
N ILE A 135 28.69 -13.38 -0.75
CA ILE A 135 27.24 -13.17 -0.67
C ILE A 135 26.79 -12.53 -1.97
N GLU A 136 25.84 -13.17 -2.65
CA GLU A 136 25.35 -12.69 -3.94
C GLU A 136 23.84 -12.80 -4.00
N ILE A 137 23.22 -11.87 -4.71
CA ILE A 137 21.78 -11.89 -4.92
C ILE A 137 21.45 -12.91 -6.00
N GLU A 138 20.36 -13.66 -5.80
CA GLU A 138 19.95 -14.69 -6.75
C GLU A 138 18.64 -14.35 -7.45
N ILE A 139 17.61 -13.95 -6.70
CA ILE A 139 16.29 -13.68 -7.26
C ILE A 139 15.78 -12.36 -6.70
N LYS A 140 15.23 -11.52 -7.58
CA LYS A 140 14.58 -10.28 -7.20
C LYS A 140 13.18 -10.27 -7.80
N ILE A 141 12.16 -10.23 -6.94
CA ILE A 141 10.76 -10.29 -7.36
C ILE A 141 10.11 -8.95 -7.03
N ASN A 142 9.37 -8.40 -8.00
CA ASN A 142 8.68 -7.13 -7.81
C ASN A 142 7.75 -7.19 -6.59
N HIS A 143 7.90 -6.21 -5.71
CA HIS A 143 7.12 -6.14 -4.48
C HIS A 143 6.46 -4.77 -4.36
N GLU A 144 5.16 -4.76 -4.05
CA GLU A 144 4.41 -3.51 -3.88
C GLU A 144 4.75 -2.93 -2.52
N GLY A 145 5.57 -1.88 -2.51
CA GLY A 145 6.04 -1.29 -1.28
C GLY A 145 7.16 -2.09 -0.64
N GLU A 146 7.71 -1.52 0.43
CA GLU A 146 8.81 -2.18 1.13
C GLU A 146 8.33 -3.47 1.79
N VAL A 147 9.26 -4.40 1.97
CA VAL A 147 8.97 -5.70 2.58
C VAL A 147 9.10 -5.54 4.09
N ASN A 148 7.97 -5.42 4.78
CA ASN A 148 8.00 -5.32 6.23
C ASN A 148 8.57 -6.58 6.86
N ARG A 149 8.19 -7.75 6.34
CA ARG A 149 8.70 -9.03 6.83
C ARG A 149 8.40 -10.09 5.77
N ALA A 150 9.30 -11.04 5.61
CA ALA A 150 9.13 -12.14 4.68
C ALA A 150 9.48 -13.44 5.39
N ARG A 151 8.57 -14.41 5.35
CA ARG A 151 8.75 -15.70 6.00
C ARG A 151 8.34 -16.83 5.06
N TYR A 152 9.18 -17.85 4.95
CA TYR A 152 8.87 -18.98 4.08
C TYR A 152 7.96 -19.97 4.79
N MET A 153 7.19 -20.71 4.00
CA MET A 153 6.34 -21.79 4.53
C MET A 153 7.21 -22.98 4.89
N PRO A 154 7.17 -23.47 6.13
CA PRO A 154 8.03 -24.62 6.48
C PRO A 154 7.76 -25.87 5.68
N GLN A 155 6.50 -26.14 5.35
CA GLN A 155 6.13 -27.31 4.56
C GLN A 155 6.44 -27.14 3.08
N ASN A 156 6.69 -25.92 2.62
CA ASN A 156 7.11 -25.69 1.25
C ASN A 156 7.93 -24.41 1.18
N PRO A 157 9.26 -24.49 1.34
CA PRO A 157 10.08 -23.27 1.37
C PRO A 157 10.07 -22.48 0.07
N CYS A 158 9.46 -23.00 -0.99
CA CYS A 158 9.28 -22.20 -2.19
C CYS A 158 8.25 -21.10 -1.98
N ILE A 159 7.32 -21.28 -1.05
CA ILE A 159 6.27 -20.30 -0.77
C ILE A 159 6.78 -19.33 0.28
N ILE A 160 6.67 -18.03 0.00
CA ILE A 160 7.14 -17.00 0.89
C ILE A 160 6.03 -15.97 1.06
N ALA A 161 5.63 -15.71 2.30
CA ALA A 161 4.65 -14.67 2.60
C ALA A 161 5.38 -13.39 2.98
N THR A 162 4.83 -12.26 2.54
CA THR A 162 5.40 -10.95 2.84
C THR A 162 4.35 -10.03 3.41
N LYS A 163 4.79 -9.08 4.23
CA LYS A 163 3.93 -8.05 4.79
C LYS A 163 4.20 -6.74 4.08
N THR A 164 3.14 -6.09 3.60
CA THR A 164 3.25 -4.91 2.75
C THR A 164 2.68 -3.66 3.43
N PRO A 165 3.15 -2.48 3.07
CA PRO A 165 2.59 -1.24 3.67
C PRO A 165 1.13 -1.02 3.37
N SER A 166 0.59 -1.62 2.32
CA SER A 166 -0.82 -1.50 1.97
C SER A 166 -1.75 -2.30 2.88
N SER A 167 -1.20 -2.98 3.90
CA SER A 167 -1.85 -3.88 4.84
C SER A 167 -2.08 -5.26 4.25
N ASP A 168 -1.93 -5.44 2.94
CA ASP A 168 -2.09 -6.76 2.34
C ASP A 168 -0.90 -7.64 2.69
N VAL A 169 -1.18 -8.93 2.88
CA VAL A 169 -0.16 -9.96 2.95
C VAL A 169 -0.08 -10.61 1.57
N LEU A 170 1.13 -10.69 1.03
CA LEU A 170 1.35 -11.27 -0.29
C LEU A 170 2.03 -12.63 -0.16
N VAL A 171 1.68 -13.54 -1.05
CA VAL A 171 2.21 -14.89 -1.07
C VAL A 171 2.92 -15.08 -2.42
N PHE A 172 4.20 -15.46 -2.37
CA PHE A 172 5.01 -15.62 -3.56
C PHE A 172 5.54 -17.04 -3.66
N ASP A 173 5.45 -17.61 -4.86
CA ASP A 173 6.16 -18.84 -5.21
C ASP A 173 7.32 -18.41 -6.08
N TYR A 174 8.49 -18.22 -5.47
CA TYR A 174 9.61 -17.63 -6.19
C TYR A 174 10.12 -18.50 -7.33
N THR A 175 9.71 -19.76 -7.41
CA THR A 175 10.00 -20.57 -8.59
C THR A 175 9.07 -20.26 -9.75
N LYS A 176 8.07 -19.39 -9.56
CA LYS A 176 7.16 -18.98 -10.61
C LYS A 176 7.43 -17.55 -11.06
N HIS A 177 8.62 -17.04 -10.82
CA HIS A 177 9.01 -15.69 -11.20
C HIS A 177 10.40 -15.72 -11.82
N PRO A 178 10.66 -14.85 -12.79
CA PRO A 178 11.99 -14.81 -13.40
C PRO A 178 13.04 -14.29 -12.43
N SER A 179 14.30 -14.61 -12.73
CA SER A 179 15.40 -14.14 -11.89
C SER A 179 15.56 -12.63 -11.97
N LYS A 180 15.24 -12.04 -13.13
CA LYS A 180 15.25 -10.60 -13.27
C LYS A 180 13.85 -10.04 -13.09
N PRO A 181 13.67 -9.00 -12.28
CA PRO A 181 12.32 -8.50 -11.99
C PRO A 181 11.65 -7.94 -13.24
N ASP A 182 10.32 -7.92 -13.19
CA ASP A 182 9.52 -7.40 -14.29
C ASP A 182 9.80 -5.91 -14.48
N PRO A 183 10.36 -5.49 -15.62
CA PRO A 183 10.70 -4.08 -15.78
C PRO A 183 9.50 -3.15 -15.82
N SER A 184 8.28 -3.68 -16.01
CA SER A 184 7.10 -2.83 -16.03
C SER A 184 6.79 -2.25 -14.66
N GLY A 185 7.25 -2.88 -13.58
CA GLY A 185 6.99 -2.40 -12.25
C GLY A 185 5.76 -2.98 -11.58
N GLU A 186 5.06 -3.90 -12.23
CA GLU A 186 3.87 -4.50 -11.65
C GLU A 186 4.26 -5.60 -10.67
N CYS A 187 3.57 -5.63 -9.53
CA CYS A 187 3.72 -6.71 -8.56
C CYS A 187 2.63 -7.74 -8.83
N ASN A 188 3.03 -8.98 -9.09
CA ASN A 188 2.11 -10.07 -9.43
C ASN A 188 2.25 -11.16 -8.38
N PRO A 189 1.61 -10.99 -7.22
CA PRO A 189 1.69 -12.04 -6.19
C PRO A 189 0.85 -13.24 -6.57
N ASP A 190 1.35 -14.42 -6.21
CA ASP A 190 0.59 -15.65 -6.46
C ASP A 190 -0.65 -15.73 -5.59
N LEU A 191 -0.68 -14.97 -4.50
CA LEU A 191 -1.90 -14.86 -3.67
C LEU A 191 -1.88 -13.50 -2.98
N ARG A 192 -3.05 -12.89 -2.84
CA ARG A 192 -3.15 -11.59 -2.12
C ARG A 192 -4.10 -11.81 -0.95
N LEU A 193 -3.60 -11.71 0.26
CA LEU A 193 -4.37 -12.00 1.46
C LEU A 193 -4.94 -10.71 2.03
N ARG A 194 -6.24 -10.65 2.20
CA ARG A 194 -6.88 -9.38 2.59
C ARG A 194 -7.63 -9.52 3.91
N GLY A 195 -7.78 -8.39 4.59
CA GLY A 195 -8.44 -8.42 5.89
C GLY A 195 -7.84 -7.38 6.83
N HIS A 196 -6.71 -6.88 6.58
CA HIS A 196 -6.06 -5.88 7.46
C HIS A 196 -6.35 -4.46 6.94
N GLN A 197 -6.42 -3.51 7.85
CA GLN A 197 -6.60 -2.10 7.52
C GLN A 197 -5.30 -1.31 7.51
N LYS A 198 -4.29 -1.75 8.24
CA LYS A 198 -3.01 -1.05 8.34
C LYS A 198 -1.88 -2.05 8.18
N GLU A 199 -0.68 -1.52 7.89
CA GLU A 199 0.49 -2.37 7.76
C GLU A 199 0.82 -3.03 9.10
N GLY A 200 1.64 -4.08 9.02
CA GLY A 200 2.04 -4.78 10.23
C GLY A 200 3.39 -5.47 10.09
N TYR A 201 3.76 -6.24 11.11
CA TYR A 201 5.04 -6.93 11.11
C TYR A 201 4.99 -8.36 11.61
N GLY A 202 3.97 -8.76 12.38
CA GLY A 202 3.89 -10.15 12.80
C GLY A 202 3.44 -11.03 11.64
N LEU A 203 4.17 -12.12 11.41
CA LEU A 203 3.87 -13.04 10.31
C LEU A 203 4.37 -14.42 10.70
N SER A 204 3.47 -15.41 10.70
CA SER A 204 3.81 -16.73 11.22
C SER A 204 3.07 -17.81 10.45
N TRP A 205 3.82 -18.74 9.87
CA TRP A 205 3.25 -19.93 9.25
C TRP A 205 3.08 -21.02 10.31
N ASN A 206 1.94 -21.70 10.26
CA ASN A 206 1.70 -22.80 11.20
C ASN A 206 2.50 -24.01 10.76
N PRO A 207 3.47 -24.47 11.57
CA PRO A 207 4.30 -25.61 11.15
C PRO A 207 3.61 -26.97 11.29
N ASN A 208 2.41 -27.03 11.87
CA ASN A 208 1.67 -28.27 11.99
C ASN A 208 0.35 -28.26 11.26
N LEU A 209 -0.10 -27.11 10.76
CA LEU A 209 -1.29 -27.00 9.92
C LEU A 209 -0.85 -26.27 8.65
N SER A 210 -0.63 -27.02 7.58
CA SER A 210 -0.13 -26.44 6.34
C SER A 210 -1.10 -25.40 5.80
N GLY A 211 -0.56 -24.25 5.39
CA GLY A 211 -1.34 -23.21 4.76
C GLY A 211 -2.07 -22.28 5.71
N HIS A 212 -1.87 -22.42 7.02
CA HIS A 212 -2.50 -21.56 8.01
C HIS A 212 -1.50 -20.48 8.40
N LEU A 213 -1.81 -19.23 8.03
CA LEU A 213 -0.90 -18.11 8.17
C LEU A 213 -1.53 -17.03 9.05
N LEU A 214 -0.76 -16.55 10.02
CA LEU A 214 -1.18 -15.49 10.91
C LEU A 214 -0.42 -14.20 10.59
N SER A 215 -1.08 -13.07 10.82
CA SER A 215 -0.50 -11.76 10.58
C SER A 215 -0.96 -10.81 11.66
N ALA A 216 -0.03 -10.01 12.17
CA ALA A 216 -0.31 -8.99 13.18
C ALA A 216 -0.11 -7.61 12.56
N SER A 217 -1.05 -6.71 12.81
CA SER A 217 -1.05 -5.40 12.15
C SER A 217 -1.25 -4.27 13.16
N ASP A 218 -0.95 -3.06 12.70
CA ASP A 218 -1.19 -1.85 13.48
C ASP A 218 -2.66 -1.52 13.63
N ASP A 219 -3.55 -2.24 12.95
CA ASP A 219 -4.99 -2.01 13.09
C ASP A 219 -5.57 -2.70 14.32
N HIS A 220 -4.72 -3.20 15.22
CA HIS A 220 -5.06 -3.82 16.49
C HIS A 220 -5.60 -5.24 16.32
N THR A 221 -5.49 -5.83 15.13
CA THR A 221 -6.09 -7.13 14.87
C THR A 221 -5.03 -8.14 14.43
N ILE A 222 -5.42 -9.41 14.50
CA ILE A 222 -4.64 -10.54 14.00
C ILE A 222 -5.49 -11.26 12.98
N CYS A 223 -4.95 -11.47 11.79
CA CYS A 223 -5.67 -12.12 10.70
C CYS A 223 -5.13 -13.53 10.50
N LEU A 224 -6.04 -14.48 10.32
CA LEU A 224 -5.69 -15.86 10.01
C LEU A 224 -6.23 -16.20 8.62
N TRP A 225 -5.38 -16.77 7.78
CA TRP A 225 -5.76 -17.25 6.46
C TRP A 225 -5.51 -18.74 6.35
N ASP A 226 -6.41 -19.44 5.67
CA ASP A 226 -6.24 -20.84 5.31
C ASP A 226 -6.17 -20.89 3.78
N ILE A 227 -4.95 -20.94 3.25
CA ILE A 227 -4.72 -21.00 1.81
C ILE A 227 -4.40 -22.43 1.35
N SER A 228 -4.59 -23.42 2.22
CA SER A 228 -4.19 -24.80 1.88
C SER A 228 -4.99 -25.35 0.72
N ALA A 229 -6.23 -24.90 0.54
CA ALA A 229 -7.08 -25.38 -0.54
C ALA A 229 -7.25 -24.35 -1.66
N VAL A 230 -6.42 -23.32 -1.68
CA VAL A 230 -6.53 -22.23 -2.64
C VAL A 230 -5.37 -22.35 -3.64
N PRO A 231 -5.64 -22.49 -4.93
CA PRO A 231 -4.56 -22.48 -5.92
C PRO A 231 -3.93 -21.08 -5.99
N LYS A 232 -2.60 -21.04 -6.00
CA LYS A 232 -1.86 -19.77 -6.02
C LYS A 232 -1.82 -19.25 -7.45
N GLU A 233 -2.95 -18.66 -7.86
CA GLU A 233 -3.09 -18.11 -9.23
C GLU A 233 -3.43 -16.62 -9.15
N GLY A 234 -2.85 -15.88 -8.19
CA GLY A 234 -3.02 -14.41 -8.11
C GLY A 234 -4.33 -13.93 -7.53
N LYS A 235 -5.11 -14.80 -6.93
CA LYS A 235 -6.44 -14.37 -6.44
C LYS A 235 -6.35 -13.66 -5.09
N VAL A 236 -7.45 -13.01 -4.71
CA VAL A 236 -7.51 -12.33 -3.40
C VAL A 236 -8.26 -13.27 -2.46
N VAL A 237 -7.64 -13.53 -1.32
CA VAL A 237 -8.22 -14.40 -0.31
C VAL A 237 -8.51 -13.57 0.93
N ASP A 238 -9.74 -13.62 1.41
CA ASP A 238 -10.09 -12.91 2.62
C ASP A 238 -9.73 -13.74 3.84
N ALA A 239 -9.62 -13.05 4.98
CA ALA A 239 -9.20 -13.71 6.21
C ALA A 239 -10.30 -14.64 6.72
N LYS A 240 -9.90 -15.86 7.08
CA LYS A 240 -10.84 -16.80 7.67
C LYS A 240 -11.29 -16.33 9.05
N THR A 241 -10.37 -15.78 9.84
CA THR A 241 -10.65 -15.36 11.20
C THR A 241 -9.84 -14.12 11.53
N ILE A 242 -10.46 -13.19 12.26
CA ILE A 242 -9.78 -11.99 12.73
C ILE A 242 -9.91 -11.95 14.24
N PHE A 243 -8.78 -11.84 14.93
CA PHE A 243 -8.73 -11.83 16.39
C PHE A 243 -8.50 -10.40 16.86
N THR A 244 -9.37 -9.93 17.75
CA THR A 244 -9.42 -8.52 18.14
C THR A 244 -9.24 -8.32 19.64
N GLY A 245 -8.46 -9.18 20.28
CA GLY A 245 -8.28 -9.08 21.72
C GLY A 245 -7.45 -7.88 22.14
N HIS A 246 -6.49 -7.48 21.31
CA HIS A 246 -5.62 -6.37 21.65
C HIS A 246 -6.33 -5.03 21.42
N THR A 247 -5.94 -4.04 22.21
CA THR A 247 -6.47 -2.68 22.08
C THR A 247 -5.46 -1.72 21.49
N ALA A 248 -4.37 -2.23 20.92
CA ALA A 248 -3.33 -1.37 20.37
C ALA A 248 -2.64 -2.12 19.23
N VAL A 249 -1.59 -1.50 18.68
CA VAL A 249 -0.85 -2.10 17.58
C VAL A 249 -0.33 -3.47 17.98
N VAL A 250 -0.73 -4.50 17.25
CA VAL A 250 -0.20 -5.84 17.46
C VAL A 250 1.13 -5.95 16.70
N GLU A 251 2.23 -6.04 17.43
CA GLU A 251 3.56 -5.99 16.85
C GLU A 251 4.05 -7.32 16.32
N ASP A 252 3.63 -8.44 16.92
CA ASP A 252 4.13 -9.74 16.49
C ASP A 252 3.09 -10.81 16.79
N VAL A 253 3.24 -11.93 16.10
CA VAL A 253 2.40 -13.10 16.32
C VAL A 253 3.23 -14.33 15.97
N SER A 254 2.94 -15.44 16.64
CA SER A 254 3.69 -16.66 16.38
C SER A 254 2.85 -17.86 16.77
N TRP A 255 2.74 -18.82 15.85
CA TRP A 255 2.14 -20.10 16.19
C TRP A 255 3.00 -20.81 17.24
N HIS A 256 2.34 -21.62 18.06
CA HIS A 256 3.08 -22.60 18.84
C HIS A 256 3.68 -23.63 17.89
N LEU A 257 4.90 -24.06 18.19
CA LEU A 257 5.65 -24.92 17.28
C LEU A 257 5.26 -26.39 17.38
N LEU A 258 4.42 -26.76 18.34
CA LEU A 258 4.01 -28.15 18.54
C LEU A 258 2.51 -28.35 18.51
N HIS A 259 1.75 -27.49 19.17
CA HIS A 259 0.29 -27.63 19.26
C HIS A 259 -0.35 -26.73 18.21
N GLU A 260 -0.99 -27.36 17.22
CA GLU A 260 -1.42 -26.65 16.01
C GLU A 260 -2.49 -25.61 16.28
N SER A 261 -3.17 -25.66 17.42
CA SER A 261 -4.29 -24.76 17.69
C SER A 261 -3.90 -23.53 18.50
N LEU A 262 -2.66 -23.45 18.98
CA LEU A 262 -2.24 -22.41 19.89
C LEU A 262 -1.30 -21.43 19.20
N PHE A 263 -1.47 -20.15 19.50
CA PHE A 263 -0.52 -19.14 19.05
C PHE A 263 -0.51 -17.98 20.03
N GLY A 264 0.59 -17.24 20.00
CA GLY A 264 0.75 -16.09 20.87
C GLY A 264 0.82 -14.80 20.09
N SER A 265 0.47 -13.70 20.74
CA SER A 265 0.57 -12.38 20.14
C SER A 265 1.04 -11.39 21.20
N VAL A 266 1.76 -10.37 20.74
CA VAL A 266 2.23 -9.29 21.59
C VAL A 266 1.90 -7.97 20.91
N ALA A 267 1.61 -6.95 21.72
CA ALA A 267 1.09 -5.71 21.17
C ALA A 267 1.58 -4.52 21.98
N ASP A 268 1.23 -3.32 21.50
CA ASP A 268 1.60 -2.07 22.16
C ASP A 268 0.85 -1.86 23.47
N ASP A 269 -0.15 -2.69 23.77
CA ASP A 269 -0.84 -2.65 25.05
C ASP A 269 -0.07 -3.38 26.16
N GLN A 270 1.21 -3.67 25.93
CA GLN A 270 2.12 -4.32 26.89
C GLN A 270 1.67 -5.74 27.26
N LYS A 271 0.80 -6.35 26.46
CA LYS A 271 0.22 -7.63 26.81
C LYS A 271 0.71 -8.73 25.87
N LEU A 272 0.94 -9.90 26.46
CA LEU A 272 1.12 -11.13 25.71
C LEU A 272 -0.17 -11.92 25.80
N MET A 273 -0.70 -12.33 24.66
CA MET A 273 -1.94 -13.10 24.63
C MET A 273 -1.69 -14.46 24.00
N ILE A 274 -2.24 -15.51 24.63
CA ILE A 274 -2.19 -16.87 24.11
C ILE A 274 -3.58 -17.20 23.58
N TRP A 275 -3.66 -17.57 22.31
CA TRP A 275 -4.92 -17.82 21.63
C TRP A 275 -5.06 -19.29 21.28
N ASP A 276 -6.31 -19.75 21.26
CA ASP A 276 -6.66 -21.10 20.84
C ASP A 276 -7.66 -20.99 19.70
N THR A 277 -7.28 -21.49 18.52
CA THR A 277 -8.18 -21.45 17.38
C THR A 277 -9.44 -22.28 17.60
N ARG A 278 -9.41 -23.22 18.55
CA ARG A 278 -10.60 -24.00 18.86
C ARG A 278 -11.64 -23.18 19.61
N SER A 279 -11.26 -22.05 20.19
CA SER A 279 -12.21 -21.21 20.89
C SER A 279 -13.10 -20.47 19.91
N ASN A 280 -14.39 -20.36 20.25
CA ASN A 280 -15.34 -19.65 19.41
C ASN A 280 -15.27 -18.13 19.59
N ASN A 281 -14.74 -17.66 20.73
CA ASN A 281 -14.62 -16.24 21.00
C ASN A 281 -13.33 -15.73 20.39
N THR A 282 -13.43 -14.86 19.38
CA THR A 282 -12.27 -14.27 18.74
C THR A 282 -11.90 -12.91 19.33
N SER A 283 -12.66 -12.41 20.30
CA SER A 283 -12.37 -11.12 20.92
C SER A 283 -11.61 -11.25 22.24
N LYS A 284 -11.55 -12.45 22.81
CA LYS A 284 -10.87 -12.67 24.09
C LYS A 284 -9.96 -13.87 23.97
N PRO A 285 -8.69 -13.75 24.31
CA PRO A 285 -7.76 -14.89 24.20
C PRO A 285 -7.95 -15.85 25.36
N SER A 286 -7.19 -16.94 25.32
CA SER A 286 -7.20 -17.90 26.43
C SER A 286 -6.55 -17.29 27.67
N HIS A 287 -5.43 -16.61 27.50
CA HIS A 287 -4.71 -15.97 28.58
C HIS A 287 -4.21 -14.61 28.11
N SER A 288 -4.38 -13.60 28.96
CA SER A 288 -3.85 -12.27 28.73
C SER A 288 -2.89 -11.94 29.86
N VAL A 289 -1.65 -11.61 29.51
CA VAL A 289 -0.57 -11.44 30.48
C VAL A 289 -0.04 -10.02 30.39
N ASP A 290 0.02 -9.34 31.53
CA ASP A 290 0.71 -8.06 31.61
C ASP A 290 2.21 -8.32 31.50
N ALA A 291 2.74 -8.35 30.28
CA ALA A 291 4.06 -8.89 30.05
C ALA A 291 5.17 -7.92 30.43
N HIS A 292 4.99 -6.64 30.11
CA HIS A 292 6.08 -5.68 30.23
C HIS A 292 5.54 -4.34 30.73
N THR A 293 6.48 -3.44 31.02
CA THR A 293 6.15 -2.07 31.43
C THR A 293 6.13 -1.11 30.25
N ALA A 294 6.19 -1.63 29.02
CA ALA A 294 6.13 -0.83 27.81
C ALA A 294 5.67 -1.75 26.68
N GLU A 295 5.73 -1.24 25.45
CA GLU A 295 5.23 -2.00 24.31
C GLU A 295 6.07 -3.26 24.10
N VAL A 296 5.41 -4.32 23.61
CA VAL A 296 6.06 -5.60 23.35
C VAL A 296 6.14 -5.78 21.84
N ASN A 297 7.36 -5.90 21.33
CA ASN A 297 7.58 -5.90 19.89
C ASN A 297 7.73 -7.29 19.28
N CYS A 298 8.03 -8.30 20.08
CA CYS A 298 8.32 -9.62 19.52
C CYS A 298 8.03 -10.70 20.54
N LEU A 299 7.83 -11.91 20.03
CA LEU A 299 7.71 -13.11 20.84
C LEU A 299 8.27 -14.28 20.04
N SER A 300 8.61 -15.35 20.74
CA SER A 300 9.23 -16.51 20.09
C SER A 300 9.09 -17.73 20.99
N PHE A 301 8.59 -18.83 20.44
CA PHE A 301 8.40 -20.06 21.17
C PHE A 301 9.66 -20.92 21.11
N ASN A 302 9.97 -21.58 22.23
CA ASN A 302 11.12 -22.46 22.28
C ASN A 302 10.84 -23.70 21.44
N PRO A 303 11.72 -24.06 20.50
CA PRO A 303 11.46 -25.24 19.66
C PRO A 303 11.71 -26.57 20.36
N TYR A 304 12.39 -26.57 21.50
CA TYR A 304 12.63 -27.80 22.26
C TYR A 304 11.84 -27.88 23.55
N SER A 305 11.31 -26.76 24.04
CA SER A 305 10.53 -26.73 25.28
C SER A 305 9.13 -26.22 24.95
N GLU A 306 8.18 -27.15 24.85
CA GLU A 306 6.81 -26.83 24.44
C GLU A 306 6.10 -25.86 25.37
N PHE A 307 6.63 -25.63 26.58
CA PHE A 307 5.97 -24.73 27.53
C PHE A 307 6.63 -23.36 27.62
N ILE A 308 7.79 -23.21 27.00
CA ILE A 308 8.55 -21.95 27.17
C ILE A 308 8.43 -21.03 25.95
N LEU A 309 8.36 -19.72 26.20
CA LEU A 309 8.36 -18.71 25.12
C LEU A 309 9.06 -17.47 25.66
N ALA A 310 9.46 -16.57 24.77
CA ALA A 310 10.14 -15.35 25.19
C ALA A 310 9.52 -14.14 24.51
N THR A 311 9.52 -13.00 25.18
CA THR A 311 9.02 -11.76 24.60
C THR A 311 10.06 -10.66 24.76
N GLY A 312 10.18 -9.81 23.74
CA GLY A 312 11.05 -8.64 23.80
C GLY A 312 10.22 -7.38 23.73
N SER A 313 10.67 -6.34 24.43
CA SER A 313 9.83 -5.18 24.67
C SER A 313 10.62 -3.88 24.58
N ALA A 314 9.87 -2.78 24.51
CA ALA A 314 10.47 -1.46 24.57
C ALA A 314 10.93 -1.08 25.97
N ASP A 315 10.70 -1.92 26.97
CA ASP A 315 11.25 -1.70 28.30
C ASP A 315 12.70 -2.15 28.42
N LYS A 316 13.35 -2.50 27.30
CA LYS A 316 14.75 -2.90 27.21
C LYS A 316 15.00 -4.31 27.74
N THR A 317 13.95 -5.10 28.01
CA THR A 317 14.11 -6.41 28.59
C THR A 317 13.52 -7.49 27.69
N VAL A 318 13.99 -8.72 27.94
CA VAL A 318 13.40 -9.92 27.36
C VAL A 318 12.82 -10.73 28.52
N ALA A 319 11.56 -11.12 28.39
CA ALA A 319 10.84 -11.84 29.44
C ALA A 319 10.69 -13.30 29.06
N LEU A 320 10.96 -14.19 30.01
CA LEU A 320 10.78 -15.63 29.82
C LEU A 320 9.45 -16.05 30.43
N TRP A 321 8.70 -16.86 29.69
CA TRP A 321 7.36 -17.23 30.08
C TRP A 321 7.18 -18.74 30.06
N ASP A 322 6.33 -19.23 30.95
CA ASP A 322 5.91 -20.63 30.99
C ASP A 322 4.40 -20.68 30.80
N LEU A 323 3.97 -21.41 29.76
CA LEU A 323 2.55 -21.47 29.42
C LEU A 323 1.73 -22.12 30.53
N ARG A 324 2.35 -22.92 31.41
CA ARG A 324 1.63 -23.57 32.48
C ARG A 324 1.25 -22.61 33.61
N ASN A 325 1.99 -21.51 33.77
CA ASN A 325 1.67 -20.53 34.81
C ASN A 325 2.15 -19.17 34.32
N LEU A 326 1.27 -18.48 33.60
CA LEU A 326 1.57 -17.17 33.03
C LEU A 326 1.35 -16.03 34.02
N LYS A 327 1.02 -16.33 35.28
CA LYS A 327 0.89 -15.31 36.31
C LYS A 327 2.23 -14.87 36.86
N LEU A 328 3.31 -15.58 36.54
CA LEU A 328 4.64 -15.28 37.07
C LEU A 328 5.62 -15.28 35.91
N LYS A 329 6.24 -14.13 35.66
CA LYS A 329 7.31 -14.05 34.68
C LYS A 329 8.51 -14.85 35.17
N LEU A 330 8.94 -15.83 34.37
CA LEU A 330 10.00 -16.74 34.79
C LEU A 330 11.30 -16.00 35.04
N HIS A 331 11.74 -15.19 34.08
CA HIS A 331 13.00 -14.47 34.19
C HIS A 331 12.90 -13.19 33.38
N SER A 332 13.77 -12.24 33.70
CA SER A 332 13.87 -10.98 32.99
C SER A 332 15.32 -10.79 32.53
N PHE A 333 15.54 -10.89 31.23
CA PHE A 333 16.91 -10.73 30.69
C PHE A 333 17.17 -9.23 30.52
N GLU A 334 18.21 -8.75 31.19
CA GLU A 334 18.47 -7.28 31.18
C GLU A 334 19.91 -6.99 30.80
N SER A 335 20.11 -6.08 29.84
CA SER A 335 21.45 -5.65 29.38
C SER A 335 21.31 -4.62 28.26
N HIS A 336 20.08 -4.65 27.65
CA HIS A 336 19.82 -4.06 26.31
C HIS A 336 19.77 -2.63 26.86
N LYS A 337 20.07 -1.65 26.01
CA LYS A 337 20.12 -0.27 26.43
C LYS A 337 19.00 0.49 25.74
N ASP A 338 18.24 -0.15 24.85
CA ASP A 338 17.14 0.50 24.17
C ASP A 338 16.12 -0.55 23.74
N GLU A 339 15.09 -0.10 23.03
CA GLU A 339 13.94 -0.93 22.68
C GLU A 339 14.35 -2.12 21.83
N ILE A 340 13.79 -3.29 22.17
CA ILE A 340 14.11 -4.55 21.51
C ILE A 340 13.05 -4.83 20.45
N PHE A 341 13.49 -5.21 19.25
CA PHE A 341 12.60 -5.45 18.13
C PHE A 341 12.41 -6.93 17.80
N GLN A 342 13.44 -7.75 17.95
CA GLN A 342 13.35 -9.14 17.54
C GLN A 342 13.94 -10.05 18.62
N VAL A 343 13.33 -11.22 18.77
CA VAL A 343 13.80 -12.25 19.70
C VAL A 343 13.63 -13.61 19.01
N GLN A 344 14.66 -14.45 19.11
CA GLN A 344 14.63 -15.74 18.41
C GLN A 344 15.38 -16.79 19.22
N TRP A 345 14.75 -17.94 19.41
CA TRP A 345 15.39 -19.07 20.07
C TRP A 345 16.37 -19.76 19.12
N SER A 346 17.44 -20.30 19.71
CA SER A 346 18.40 -21.05 18.91
C SER A 346 17.79 -22.34 18.41
N PRO A 347 18.01 -22.69 17.14
CA PRO A 347 17.44 -23.94 16.61
C PRO A 347 18.22 -25.18 17.00
N HIS A 348 19.39 -25.04 17.64
CA HIS A 348 20.23 -26.16 18.01
C HIS A 348 20.33 -26.38 19.52
N ASN A 349 20.26 -25.31 20.33
CA ASN A 349 20.39 -25.42 21.77
C ASN A 349 19.14 -24.85 22.43
N GLU A 350 18.52 -25.64 23.32
CA GLU A 350 17.27 -25.27 23.94
C GLU A 350 17.44 -24.15 24.97
N THR A 351 18.66 -23.91 25.45
CA THR A 351 18.91 -22.88 26.45
C THR A 351 19.45 -21.59 25.86
N ILE A 352 19.66 -21.53 24.55
CA ILE A 352 20.29 -20.39 23.90
C ILE A 352 19.21 -19.55 23.24
N LEU A 353 19.28 -18.25 23.44
CA LEU A 353 18.27 -17.33 22.93
C LEU A 353 18.97 -16.02 22.59
N ALA A 354 18.47 -15.33 21.56
CA ALA A 354 19.07 -14.09 21.09
C ALA A 354 18.01 -13.01 20.94
N SER A 355 18.44 -11.76 21.09
CA SER A 355 17.56 -10.60 20.98
C SER A 355 18.32 -9.44 20.35
N SER A 356 17.60 -8.65 19.56
CA SER A 356 18.19 -7.50 18.88
C SER A 356 17.20 -6.34 18.89
N GLY A 357 17.71 -5.14 18.66
CA GLY A 357 16.84 -3.98 18.67
C GLY A 357 17.50 -2.66 18.35
N THR A 358 16.93 -1.59 18.91
CA THR A 358 17.32 -0.22 18.56
C THR A 358 18.60 0.22 19.26
N ASP A 359 19.17 -0.58 20.15
CA ASP A 359 20.47 -0.24 20.72
C ASP A 359 21.64 -0.69 19.83
N ARG A 360 21.34 -1.14 18.61
CA ARG A 360 22.33 -1.58 17.63
C ARG A 360 23.14 -2.78 18.13
N ARG A 361 22.58 -3.54 19.07
CA ARG A 361 23.25 -4.69 19.64
C ARG A 361 22.40 -5.93 19.43
N LEU A 362 23.08 -7.09 19.39
CA LEU A 362 22.42 -8.39 19.38
C LEU A 362 22.98 -9.18 20.55
N ASN A 363 22.16 -9.39 21.58
CA ASN A 363 22.57 -10.16 22.74
C ASN A 363 22.20 -11.63 22.55
N VAL A 364 23.10 -12.51 22.96
CA VAL A 364 22.85 -13.95 22.98
C VAL A 364 22.81 -14.39 24.43
N TRP A 365 21.72 -15.04 24.83
CA TRP A 365 21.50 -15.43 26.21
C TRP A 365 21.55 -16.94 26.38
N ASP A 366 21.93 -17.38 27.58
CA ASP A 366 22.00 -18.78 27.96
C ASP A 366 21.29 -18.93 29.31
N LEU A 367 20.05 -19.43 29.28
CA LEU A 367 19.28 -19.52 30.52
C LEU A 367 19.83 -20.56 31.48
N SER A 368 20.62 -21.52 30.99
CA SER A 368 21.25 -22.48 31.90
C SER A 368 22.27 -21.81 32.82
N LYS A 369 22.70 -20.60 32.50
CA LYS A 369 23.65 -19.86 33.31
C LYS A 369 22.97 -18.88 34.27
N ILE A 370 21.64 -18.92 34.37
CA ILE A 370 20.91 -18.04 35.28
C ILE A 370 21.27 -18.39 36.71
N GLY A 371 21.56 -17.37 37.52
CA GLY A 371 21.89 -17.58 38.91
C GLY A 371 23.32 -18.02 39.16
N GLU A 372 24.15 -18.06 38.14
CA GLU A 372 25.55 -18.46 38.32
C GLU A 372 26.31 -17.41 39.10
N GLU A 373 27.20 -17.87 39.98
CA GLU A 373 28.12 -16.96 40.64
C GLU A 373 29.14 -16.46 39.64
N GLN A 374 29.51 -15.18 39.74
CA GLN A 374 30.43 -14.59 38.74
C GLN A 374 31.47 -13.68 39.39
N SER A 375 32.55 -13.38 38.66
CA SER A 375 33.57 -12.43 39.16
C SER A 375 32.92 -11.07 39.34
N PRO A 376 33.35 -10.26 40.32
CA PRO A 376 32.81 -8.93 40.48
C PRO A 376 33.09 -8.13 39.20
N GLU A 377 34.29 -8.28 38.66
CA GLU A 377 34.65 -7.59 37.40
C GLU A 377 33.80 -8.17 36.27
N ASP A 378 33.63 -9.49 36.25
CA ASP A 378 32.78 -10.14 35.24
C ASP A 378 31.35 -9.62 35.40
N ALA A 379 30.90 -9.42 36.65
CA ALA A 379 29.56 -8.89 36.89
C ALA A 379 29.38 -7.50 36.28
N GLU A 380 30.47 -6.75 36.06
CA GLU A 380 30.36 -5.45 35.43
C GLU A 380 29.99 -5.57 33.95
N ASP A 381 30.44 -6.63 33.28
CA ASP A 381 30.15 -6.79 31.87
C ASP A 381 28.69 -7.17 31.64
N GLY A 382 28.05 -7.82 32.62
CA GLY A 382 26.67 -8.21 32.50
C GLY A 382 26.31 -9.40 33.37
N PRO A 383 25.05 -9.81 33.33
CA PRO A 383 24.61 -10.96 34.12
C PRO A 383 25.25 -12.24 33.61
N PRO A 384 25.27 -13.31 34.42
CA PRO A 384 25.90 -14.55 33.96
C PRO A 384 25.21 -15.17 32.76
N GLU A 385 23.88 -15.06 32.67
CA GLU A 385 23.13 -15.61 31.54
C GLU A 385 23.35 -14.81 30.25
N LEU A 386 24.13 -13.74 30.27
CA LEU A 386 24.46 -13.00 29.06
C LEU A 386 25.69 -13.63 28.45
N LEU A 387 25.50 -14.37 27.36
CA LEU A 387 26.59 -15.13 26.76
C LEU A 387 27.47 -14.26 25.89
N PHE A 388 26.86 -13.43 25.04
CA PHE A 388 27.62 -12.73 24.01
C PHE A 388 26.87 -11.47 23.60
N ILE A 389 27.63 -10.42 23.30
CA ILE A 389 27.09 -9.17 22.78
C ILE A 389 27.73 -8.95 21.41
N HIS A 390 26.91 -9.02 20.36
CA HIS A 390 27.37 -8.74 19.01
C HIS A 390 27.25 -7.25 18.76
N GLY A 391 28.38 -6.56 18.69
CA GLY A 391 28.39 -5.13 18.45
C GLY A 391 28.92 -4.76 17.09
N GLY A 392 28.61 -5.57 16.07
CA GLY A 392 29.12 -5.31 14.73
C GLY A 392 28.32 -4.29 13.94
N HIS A 393 27.07 -4.07 14.29
CA HIS A 393 26.21 -3.15 13.56
C HIS A 393 26.36 -1.73 14.10
N THR A 394 26.33 -0.75 13.19
CA THR A 394 26.43 0.66 13.54
C THR A 394 25.08 1.36 13.44
N ALA A 395 24.00 0.61 13.20
CA ALA A 395 22.66 1.17 13.14
C ALA A 395 21.70 0.18 13.79
N LYS A 396 20.42 0.56 13.86
CA LYS A 396 19.42 -0.28 14.48
C LYS A 396 19.26 -1.58 13.69
N ILE A 397 19.25 -2.71 14.40
CA ILE A 397 19.09 -4.00 13.77
C ILE A 397 17.60 -4.26 13.55
N SER A 398 17.22 -4.55 12.30
CA SER A 398 15.82 -4.75 11.99
C SER A 398 15.39 -6.19 12.25
N ASP A 399 16.23 -7.15 11.88
CA ASP A 399 15.87 -8.55 12.01
C ASP A 399 17.13 -9.38 12.04
N PHE A 400 16.99 -10.63 12.46
CA PHE A 400 18.11 -11.56 12.44
C PHE A 400 17.56 -12.98 12.38
N SER A 401 18.40 -13.90 11.91
CA SER A 401 17.99 -15.28 11.70
C SER A 401 19.12 -16.21 12.09
N TRP A 402 18.78 -17.26 12.86
CA TRP A 402 19.72 -18.32 13.15
C TRP A 402 19.83 -19.26 11.96
N ASN A 403 21.05 -19.54 11.53
CA ASN A 403 21.26 -20.53 10.47
C ASN A 403 20.86 -21.91 10.97
N PRO A 404 19.87 -22.56 10.36
CA PRO A 404 19.39 -23.85 10.88
C PRO A 404 20.29 -25.03 10.56
N ASN A 405 21.29 -24.85 9.70
CA ASN A 405 22.21 -25.92 9.33
C ASN A 405 23.62 -25.74 9.88
N GLU A 406 24.02 -24.51 10.19
CA GLU A 406 25.32 -24.24 10.78
C GLU A 406 25.12 -23.70 12.19
N PRO A 407 25.43 -24.45 13.24
CA PRO A 407 25.18 -23.96 14.60
C PRO A 407 25.97 -22.70 14.90
N TRP A 408 25.33 -21.77 15.61
CA TRP A 408 25.88 -20.52 16.11
C TRP A 408 26.10 -19.48 15.01
N VAL A 409 25.82 -19.80 13.74
CA VAL A 409 25.89 -18.80 12.68
C VAL A 409 24.60 -17.99 12.68
N ILE A 410 24.74 -16.67 12.66
CA ILE A 410 23.60 -15.75 12.68
C ILE A 410 23.77 -14.75 11.55
N CYS A 411 22.67 -14.46 10.85
CA CYS A 411 22.61 -13.34 9.92
C CYS A 411 21.75 -12.26 10.53
N SER A 412 22.28 -11.05 10.62
CA SER A 412 21.55 -9.90 11.14
C SER A 412 21.63 -8.76 10.15
N VAL A 413 20.53 -8.04 10.00
CA VAL A 413 20.43 -6.91 9.07
C VAL A 413 20.10 -5.65 9.86
N SER A 414 20.64 -4.52 9.41
CA SER A 414 20.49 -3.26 10.11
C SER A 414 19.98 -2.17 9.17
N GLU A 415 19.71 -1.01 9.75
CA GLU A 415 19.09 0.10 9.02
C GLU A 415 20.04 0.76 8.02
N ASP A 416 21.35 0.54 8.17
CA ASP A 416 22.35 1.16 7.30
C ASP A 416 22.73 0.27 6.12
N ASN A 417 21.80 -0.55 5.63
CA ASN A 417 21.98 -1.46 4.49
C ASN A 417 22.97 -2.59 4.78
N ILE A 418 23.42 -2.75 6.02
CA ILE A 418 24.47 -3.70 6.34
C ILE A 418 23.86 -5.06 6.67
N MET A 419 24.32 -6.08 5.97
CA MET A 419 23.99 -7.47 6.27
C MET A 419 25.23 -8.15 6.80
N GLN A 420 25.11 -8.81 7.96
CA GLN A 420 26.26 -9.43 8.61
C GLN A 420 25.95 -10.89 8.90
N VAL A 421 26.85 -11.77 8.48
CA VAL A 421 26.76 -13.20 8.75
C VAL A 421 27.96 -13.54 9.64
N TRP A 422 27.68 -13.94 10.87
CA TRP A 422 28.73 -14.05 11.87
C TRP A 422 28.50 -15.25 12.77
N GLN A 423 29.55 -15.63 13.48
CA GLN A 423 29.51 -16.75 14.41
C GLN A 423 30.51 -16.45 15.52
N MET A 424 30.03 -16.43 16.76
CA MET A 424 30.90 -16.16 17.89
C MET A 424 31.93 -17.27 18.06
N ALA A 425 33.03 -16.93 18.72
CA ALA A 425 34.12 -17.88 18.90
C ALA A 425 33.64 -19.12 19.64
N GLU A 426 34.22 -20.27 19.26
CA GLU A 426 33.78 -21.54 19.83
C GLU A 426 34.05 -21.60 21.33
N ASN A 427 35.18 -21.05 21.77
CA ASN A 427 35.55 -21.11 23.18
C ASN A 427 34.60 -20.31 24.08
N ILE A 428 33.75 -19.46 23.51
CA ILE A 428 32.83 -18.67 24.32
C ILE A 428 31.63 -19.51 24.75
N TYR A 429 31.04 -20.25 23.80
CA TYR A 429 29.91 -21.11 24.12
C TYR A 429 30.32 -22.53 24.46
N ASN A 430 31.53 -22.94 24.10
CA ASN A 430 31.99 -24.30 24.34
C ASN A 430 33.25 -24.30 25.23
N GLU B 33 -34.67 29.03 -9.38
CA GLU B 33 -34.25 27.69 -9.78
C GLU B 33 -34.30 26.73 -8.59
N GLU B 34 -34.37 27.29 -7.38
CA GLU B 34 -34.40 26.44 -6.20
C GLU B 34 -35.65 25.56 -6.14
N ARG B 35 -36.78 26.05 -6.66
CA ARG B 35 -38.00 25.27 -6.62
C ARG B 35 -38.00 24.16 -7.66
N VAL B 36 -37.69 24.49 -8.92
CA VAL B 36 -37.69 23.47 -9.96
C VAL B 36 -36.67 22.39 -9.64
N ILE B 37 -35.61 22.74 -8.94
CA ILE B 37 -34.63 21.72 -8.52
C ILE B 37 -35.19 20.90 -7.36
N ASN B 38 -35.79 21.57 -6.38
CA ASN B 38 -36.38 20.86 -5.25
C ASN B 38 -37.55 20.00 -5.69
N GLU B 39 -38.37 20.49 -6.62
CA GLU B 39 -39.49 19.71 -7.09
C GLU B 39 -39.03 18.50 -7.89
N GLU B 40 -38.01 18.67 -8.73
CA GLU B 40 -37.49 17.53 -9.48
C GLU B 40 -36.76 16.54 -8.57
N TYR B 41 -36.11 17.02 -7.52
CA TYR B 41 -35.47 16.11 -6.58
C TYR B 41 -36.51 15.28 -5.83
N LYS B 42 -37.64 15.88 -5.49
CA LYS B 42 -38.69 15.13 -4.79
C LYS B 42 -39.26 14.03 -5.68
N ILE B 43 -39.44 14.32 -6.97
CA ILE B 43 -39.90 13.29 -7.91
C ILE B 43 -38.85 12.20 -8.06
N TRP B 44 -37.57 12.59 -8.09
CA TRP B 44 -36.50 11.60 -8.20
C TRP B 44 -36.45 10.70 -6.96
N LYS B 45 -36.53 11.31 -5.78
CA LYS B 45 -36.46 10.53 -4.55
C LYS B 45 -37.61 9.52 -4.47
N LYS B 46 -38.79 9.91 -4.97
CA LYS B 46 -39.93 9.00 -4.96
C LYS B 46 -39.72 7.83 -5.90
N ASN B 47 -39.03 8.04 -7.02
CA ASN B 47 -38.83 7.00 -8.01
C ASN B 47 -37.52 6.23 -7.81
N THR B 48 -36.78 6.50 -6.75
CA THR B 48 -35.51 5.79 -6.53
C THR B 48 -35.66 4.28 -6.45
N PRO B 49 -36.65 3.70 -5.77
CA PRO B 49 -36.72 2.23 -5.71
C PRO B 49 -36.96 1.57 -7.06
N PHE B 50 -37.26 2.33 -8.10
CA PHE B 50 -37.59 1.76 -9.40
C PHE B 50 -36.46 1.85 -10.40
N LEU B 51 -35.59 2.86 -10.27
CA LEU B 51 -34.49 3.06 -11.19
C LEU B 51 -33.14 2.67 -10.62
N TYR B 52 -33.08 2.33 -9.34
CA TYR B 52 -31.81 2.01 -8.69
C TYR B 52 -31.93 0.70 -7.92
N ASP B 53 -30.84 -0.06 -7.90
CA ASP B 53 -30.68 -1.17 -6.98
C ASP B 53 -29.91 -0.78 -5.73
N LEU B 54 -29.42 0.45 -5.67
CA LEU B 54 -28.68 0.95 -4.52
C LEU B 54 -28.61 2.47 -4.63
N VAL B 55 -28.87 3.16 -3.52
CA VAL B 55 -28.72 4.61 -3.44
C VAL B 55 -28.24 4.92 -2.02
N MET B 56 -27.00 5.39 -1.91
CA MET B 56 -26.43 5.85 -0.64
C MET B 56 -25.99 7.28 -0.81
N THR B 57 -26.49 8.16 0.06
CA THR B 57 -26.18 9.58 0.02
C THR B 57 -25.48 9.99 1.31
N HIS B 58 -24.32 10.62 1.18
CA HIS B 58 -23.54 11.07 2.33
C HIS B 58 -23.13 12.52 2.11
N ALA B 59 -23.41 13.37 3.10
CA ALA B 59 -23.03 14.78 3.04
C ALA B 59 -21.65 14.92 3.66
N LEU B 60 -20.67 15.32 2.84
CA LEU B 60 -19.33 15.54 3.35
C LEU B 60 -19.24 16.91 4.03
N GLU B 61 -18.27 17.02 4.95
CA GLU B 61 -18.05 18.30 5.62
C GLU B 61 -17.77 19.40 4.61
N TRP B 62 -16.93 19.12 3.63
CA TRP B 62 -16.62 20.00 2.52
C TRP B 62 -16.83 19.26 1.21
N PRO B 63 -17.21 19.95 0.15
CA PRO B 63 -17.39 19.27 -1.13
C PRO B 63 -16.08 18.72 -1.67
N SER B 64 -16.17 17.64 -2.43
CA SER B 64 -15.03 17.04 -3.10
C SER B 64 -15.10 17.37 -4.59
N LEU B 65 -13.96 17.75 -5.16
CA LEU B 65 -13.85 17.92 -6.60
C LEU B 65 -13.36 16.66 -7.31
N THR B 66 -12.91 15.67 -6.55
CA THR B 66 -12.32 14.46 -7.10
C THR B 66 -12.94 13.24 -6.45
N ALA B 67 -12.98 12.14 -7.20
CA ALA B 67 -13.51 10.89 -6.70
C ALA B 67 -12.94 9.76 -7.54
N GLN B 68 -12.35 8.76 -6.89
CA GLN B 68 -11.82 7.60 -7.58
C GLN B 68 -11.85 6.41 -6.62
N TRP B 69 -12.48 5.33 -7.06
CA TRP B 69 -12.49 4.11 -6.28
C TRP B 69 -11.07 3.54 -6.19
N LEU B 70 -10.67 3.13 -4.99
CA LEU B 70 -9.47 2.34 -4.86
C LEU B 70 -9.76 0.92 -5.37
N PRO B 71 -8.74 0.20 -5.85
CA PRO B 71 -8.99 -1.11 -6.46
C PRO B 71 -9.26 -2.23 -5.47
N ASP B 72 -9.00 -2.02 -4.19
CA ASP B 72 -9.11 -3.09 -3.20
C ASP B 72 -10.54 -3.26 -2.71
N VAL B 73 -10.92 -4.50 -2.45
CA VAL B 73 -12.21 -4.83 -1.87
C VAL B 73 -11.98 -5.87 -0.78
N THR B 74 -12.62 -5.68 0.36
CA THR B 74 -12.54 -6.60 1.48
C THR B 74 -13.91 -7.20 1.73
N ARG B 75 -13.98 -8.52 1.83
CA ARG B 75 -15.23 -9.23 2.11
C ARG B 75 -15.06 -10.05 3.38
N PRO B 76 -15.44 -9.51 4.54
CA PRO B 76 -15.30 -10.27 5.78
C PRO B 76 -16.06 -11.59 5.70
N GLU B 77 -15.55 -12.58 6.45
CA GLU B 77 -16.02 -13.96 6.30
C GLU B 77 -17.51 -14.07 6.58
N GLY B 78 -17.95 -13.72 7.78
CA GLY B 78 -19.34 -13.88 8.15
C GLY B 78 -20.22 -12.65 8.11
N LYS B 79 -20.09 -11.85 7.06
CA LYS B 79 -20.90 -10.64 6.92
C LYS B 79 -21.51 -10.52 5.53
N ASP B 80 -22.60 -9.77 5.44
CA ASP B 80 -23.35 -9.61 4.21
C ASP B 80 -22.94 -8.37 3.42
N PHE B 81 -21.75 -7.84 3.66
CA PHE B 81 -21.30 -6.63 2.99
C PHE B 81 -19.81 -6.75 2.66
N SER B 82 -19.39 -6.00 1.65
CA SER B 82 -17.99 -5.85 1.32
C SER B 82 -17.55 -4.42 1.62
N ILE B 83 -16.23 -4.22 1.68
CA ILE B 83 -15.65 -2.93 2.04
C ILE B 83 -14.87 -2.42 0.84
N HIS B 84 -15.29 -1.27 0.32
CA HIS B 84 -14.61 -0.57 -0.77
C HIS B 84 -14.15 0.79 -0.27
N ARG B 85 -13.14 1.34 -0.95
CA ARG B 85 -12.55 2.60 -0.53
C ARG B 85 -12.50 3.57 -1.70
N LEU B 86 -12.55 4.86 -1.38
CA LEU B 86 -12.59 5.93 -2.36
C LEU B 86 -11.55 6.99 -2.00
N VAL B 87 -10.86 7.50 -3.02
CA VAL B 87 -9.97 8.64 -2.86
C VAL B 87 -10.79 9.90 -3.11
N LEU B 88 -11.01 10.68 -2.05
CA LEU B 88 -11.71 11.94 -2.14
C LEU B 88 -10.78 13.07 -1.74
N GLY B 89 -11.26 14.30 -1.92
CA GLY B 89 -10.55 15.48 -1.47
C GLY B 89 -11.53 16.45 -0.82
N THR B 90 -11.00 17.60 -0.41
CA THR B 90 -11.82 18.68 0.09
C THR B 90 -11.68 19.90 -0.81
N HIS B 91 -12.67 20.79 -0.69
CA HIS B 91 -12.69 22.08 -1.38
C HIS B 91 -13.27 23.07 -0.38
N THR B 92 -12.41 23.72 0.40
CA THR B 92 -12.85 24.58 1.47
C THR B 92 -12.85 26.04 1.02
N SER B 93 -13.58 26.86 1.76
CA SER B 93 -13.52 28.32 1.62
C SER B 93 -12.70 28.84 2.79
N ASP B 94 -11.39 28.95 2.57
CA ASP B 94 -10.44 29.49 3.55
C ASP B 94 -10.45 28.67 4.85
N GLU B 95 -10.20 27.38 4.69
CA GLU B 95 -10.05 26.47 5.81
C GLU B 95 -9.11 25.35 5.40
N GLN B 96 -8.66 24.57 6.39
CA GLN B 96 -7.67 23.53 6.14
C GLN B 96 -8.24 22.45 5.23
N ASN B 97 -7.50 22.13 4.17
CA ASN B 97 -7.91 21.11 3.23
C ASN B 97 -7.25 19.77 3.56
N HIS B 98 -7.80 18.70 3.01
CA HIS B 98 -7.31 17.38 3.28
C HIS B 98 -7.46 16.49 2.05
N LEU B 99 -6.52 15.56 1.90
CA LEU B 99 -6.70 14.41 1.03
C LEU B 99 -7.38 13.32 1.84
N VAL B 100 -8.45 12.76 1.31
CA VAL B 100 -9.38 11.94 2.08
C VAL B 100 -9.46 10.55 1.47
N ILE B 101 -9.37 9.53 2.32
CA ILE B 101 -9.70 8.15 1.95
C ILE B 101 -10.90 7.75 2.77
N ALA B 102 -11.99 7.38 2.10
CA ALA B 102 -13.21 6.96 2.76
C ALA B 102 -13.54 5.52 2.38
N SER B 103 -14.10 4.80 3.34
CA SER B 103 -14.53 3.42 3.13
C SER B 103 -16.04 3.36 2.96
N VAL B 104 -16.49 2.42 2.14
CA VAL B 104 -17.89 2.26 1.79
C VAL B 104 -18.28 0.80 1.99
N GLN B 105 -19.38 0.56 2.69
CA GLN B 105 -19.91 -0.78 2.90
C GLN B 105 -21.02 -1.03 1.88
N LEU B 106 -20.70 -1.90 0.93
CA LEU B 106 -21.67 -2.22 -0.13
C LEU B 106 -22.35 -3.55 0.18
N PRO B 107 -23.70 -3.59 0.15
CA PRO B 107 -24.43 -4.83 0.37
C PRO B 107 -24.01 -5.96 -0.57
N ASN B 108 -24.03 -7.19 -0.06
CA ASN B 108 -23.69 -8.37 -0.90
C ASN B 108 -24.98 -8.85 -1.57
N LYS B 134 -22.38 3.36 6.92
CA LYS B 134 -21.75 2.54 5.89
C LYS B 134 -20.72 3.35 5.09
N ILE B 135 -20.71 4.66 5.31
CA ILE B 135 -19.74 5.56 4.69
C ILE B 135 -18.99 6.27 5.81
N GLU B 136 -17.69 6.03 5.90
CA GLU B 136 -16.86 6.57 6.96
C GLU B 136 -15.58 7.14 6.38
N ILE B 137 -15.05 8.18 7.03
CA ILE B 137 -13.77 8.75 6.67
C ILE B 137 -12.69 7.98 7.44
N GLU B 138 -11.73 7.43 6.70
CA GLU B 138 -10.68 6.60 7.29
C GLU B 138 -9.35 7.32 7.43
N ILE B 139 -8.99 8.15 6.45
CA ILE B 139 -7.70 8.82 6.44
C ILE B 139 -7.91 10.27 6.02
N LYS B 140 -7.29 11.19 6.75
CA LYS B 140 -7.28 12.61 6.40
C LYS B 140 -5.84 13.10 6.46
N ILE B 141 -5.35 13.60 5.33
CA ILE B 141 -3.97 14.06 5.21
C ILE B 141 -3.98 15.54 4.85
N ASN B 142 -3.26 16.34 5.64
CA ASN B 142 -3.21 17.78 5.41
C ASN B 142 -2.81 18.07 3.97
N HIS B 143 -3.52 19.02 3.35
CA HIS B 143 -3.30 19.36 1.95
C HIS B 143 -3.32 20.87 1.79
N GLU B 144 -2.29 21.40 1.14
CA GLU B 144 -2.20 22.84 0.89
C GLU B 144 -3.12 23.20 -0.27
N GLY B 145 -4.22 23.88 0.04
CA GLY B 145 -5.21 24.22 -0.96
C GLY B 145 -6.13 23.06 -1.26
N GLU B 146 -7.21 23.38 -1.97
CA GLU B 146 -8.19 22.36 -2.32
C GLU B 146 -7.58 21.31 -3.24
N VAL B 147 -8.15 20.11 -3.19
CA VAL B 147 -7.68 19.00 -4.03
C VAL B 147 -8.46 19.08 -5.35
N ASN B 148 -7.83 19.69 -6.35
CA ASN B 148 -8.46 19.79 -7.66
C ASN B 148 -8.71 18.42 -8.27
N ARG B 149 -7.80 17.49 -8.03
CA ARG B 149 -7.87 16.11 -8.58
C ARG B 149 -6.95 15.23 -7.76
N ALA B 150 -7.34 13.99 -7.53
CA ALA B 150 -6.49 13.02 -6.84
C ALA B 150 -6.62 11.67 -7.52
N ARG B 151 -5.48 11.06 -7.85
CA ARG B 151 -5.46 9.81 -8.58
C ARG B 151 -4.40 8.88 -8.00
N TYR B 152 -4.77 7.63 -7.75
CA TYR B 152 -3.82 6.66 -7.22
C TYR B 152 -3.02 6.03 -8.36
N MET B 153 -1.81 5.62 -8.03
CA MET B 153 -0.95 4.96 -9.00
C MET B 153 -1.35 3.50 -9.13
N PRO B 154 -1.63 3.00 -10.34
CA PRO B 154 -2.11 1.60 -10.46
C PRO B 154 -1.12 0.57 -9.96
N GLN B 155 0.18 0.78 -10.19
CA GLN B 155 1.19 -0.19 -9.77
C GLN B 155 1.38 -0.22 -8.26
N ASN B 156 0.96 0.85 -7.56
CA ASN B 156 1.02 0.89 -6.11
C ASN B 156 -0.06 1.85 -5.63
N PRO B 157 -1.25 1.35 -5.31
CA PRO B 157 -2.37 2.24 -4.98
C PRO B 157 -2.16 3.08 -3.73
N CYS B 158 -1.09 2.87 -2.98
CA CYS B 158 -0.79 3.74 -1.85
C CYS B 158 -0.19 5.06 -2.29
N ILE B 159 0.29 5.15 -3.52
CA ILE B 159 0.82 6.39 -4.07
C ILE B 159 -0.32 7.16 -4.71
N ILE B 160 -0.56 8.38 -4.22
CA ILE B 160 -1.64 9.21 -4.71
C ILE B 160 -1.07 10.57 -5.09
N ALA B 161 -1.28 10.97 -6.34
CA ALA B 161 -0.92 12.30 -6.79
C ALA B 161 -2.13 13.23 -6.69
N THR B 162 -1.86 14.49 -6.34
CA THR B 162 -2.91 15.49 -6.20
C THR B 162 -2.56 16.74 -7.00
N LYS B 163 -3.60 17.41 -7.48
CA LYS B 163 -3.45 18.72 -8.11
C LYS B 163 -3.87 19.79 -7.11
N THR B 164 -3.01 20.78 -6.91
CA THR B 164 -3.22 21.86 -5.97
C THR B 164 -3.47 23.18 -6.70
N PRO B 165 -4.05 24.17 -6.04
CA PRO B 165 -4.23 25.48 -6.70
C PRO B 165 -2.94 26.26 -6.88
N SER B 166 -1.84 25.81 -6.30
CA SER B 166 -0.58 26.54 -6.36
C SER B 166 0.32 26.10 -7.50
N SER B 167 -0.22 25.37 -8.48
CA SER B 167 0.47 24.77 -9.62
C SER B 167 1.37 23.61 -9.22
N ASP B 168 1.65 23.40 -7.94
CA ASP B 168 2.44 22.24 -7.54
C ASP B 168 1.65 20.96 -7.71
N VAL B 169 2.33 19.89 -8.12
CA VAL B 169 1.75 18.55 -8.17
C VAL B 169 2.36 17.75 -7.03
N LEU B 170 1.51 17.29 -6.11
CA LEU B 170 1.95 16.61 -4.91
C LEU B 170 1.75 15.10 -5.03
N VAL B 171 2.66 14.35 -4.40
CA VAL B 171 2.61 12.89 -4.40
C VAL B 171 2.64 12.43 -2.94
N PHE B 172 1.63 11.65 -2.55
CA PHE B 172 1.50 11.15 -1.18
C PHE B 172 1.51 9.64 -1.18
N ASP B 173 2.30 9.06 -0.27
CA ASP B 173 2.18 7.64 0.10
C ASP B 173 1.45 7.64 1.43
N TYR B 174 0.14 7.37 1.39
CA TYR B 174 -0.67 7.59 2.58
C TYR B 174 -0.32 6.64 3.72
N THR B 175 0.37 5.52 3.43
CA THR B 175 0.89 4.68 4.49
C THR B 175 2.02 5.36 5.25
N LYS B 176 2.60 6.43 4.69
CA LYS B 176 3.63 7.22 5.36
C LYS B 176 3.06 8.44 6.06
N HIS B 177 1.77 8.41 6.40
CA HIS B 177 1.10 9.51 7.05
C HIS B 177 0.15 8.96 8.10
N PRO B 178 -0.08 9.70 9.19
CA PRO B 178 -1.03 9.23 10.21
C PRO B 178 -2.45 9.21 9.66
N SER B 179 -3.26 8.30 10.22
CA SER B 179 -4.66 8.23 9.82
C SER B 179 -5.40 9.52 10.17
N LYS B 180 -5.00 10.19 11.26
CA LYS B 180 -5.57 11.47 11.67
C LYS B 180 -4.60 12.60 11.37
N PRO B 181 -5.08 13.72 10.81
CA PRO B 181 -4.16 14.77 10.38
C PRO B 181 -3.55 15.52 11.55
N ASP B 182 -2.32 15.99 11.32
CA ASP B 182 -1.61 16.82 12.29
C ASP B 182 -2.40 18.12 12.50
N PRO B 183 -2.78 18.45 13.74
CA PRO B 183 -3.59 19.65 13.96
C PRO B 183 -2.93 20.95 13.51
N SER B 184 -1.61 20.99 13.37
CA SER B 184 -0.96 22.20 12.87
C SER B 184 -1.34 22.51 11.43
N GLY B 185 -1.79 21.51 10.67
CA GLY B 185 -2.27 21.71 9.32
C GLY B 185 -1.22 21.78 8.25
N GLU B 186 0.07 21.67 8.60
CA GLU B 186 1.10 21.75 7.58
C GLU B 186 1.08 20.50 6.71
N CYS B 187 1.38 20.70 5.43
CA CYS B 187 1.31 19.63 4.43
C CYS B 187 2.73 19.18 4.11
N ASN B 188 2.99 17.89 4.29
CA ASN B 188 4.31 17.29 4.05
C ASN B 188 4.17 16.24 2.96
N PRO B 189 4.17 16.66 1.69
CA PRO B 189 4.07 15.69 0.59
C PRO B 189 5.38 14.92 0.43
N ASP B 190 5.25 13.63 0.09
CA ASP B 190 6.44 12.82 -0.12
C ASP B 190 7.23 13.29 -1.34
N LEU B 191 6.57 13.90 -2.31
CA LEU B 191 7.23 14.47 -3.47
C LEU B 191 6.53 15.76 -3.87
N ARG B 192 7.31 16.68 -4.43
CA ARG B 192 6.78 17.93 -4.99
C ARG B 192 7.18 18.00 -6.45
N LEU B 193 6.20 17.85 -7.33
CA LEU B 193 6.46 17.80 -8.78
C LEU B 193 6.29 19.19 -9.37
N ARG B 194 7.38 19.74 -9.89
CA ARG B 194 7.42 21.10 -10.41
C ARG B 194 7.47 21.09 -11.94
N GLY B 195 7.07 22.21 -12.53
CA GLY B 195 7.07 22.35 -13.98
C GLY B 195 5.93 23.22 -14.48
N HIS B 196 4.86 23.30 -13.70
CA HIS B 196 3.70 24.08 -14.09
C HIS B 196 3.76 25.50 -13.53
N GLN B 197 3.02 26.40 -14.18
CA GLN B 197 2.88 27.78 -13.73
C GLN B 197 1.50 28.08 -13.17
N LYS B 198 0.52 27.22 -13.41
CA LYS B 198 -0.85 27.43 -12.96
C LYS B 198 -1.45 26.10 -12.53
N GLU B 199 -2.53 26.18 -11.75
CA GLU B 199 -3.25 24.99 -11.33
C GLU B 199 -3.86 24.28 -12.54
N GLY B 200 -4.32 23.06 -12.32
CA GLY B 200 -4.90 22.27 -13.37
C GLY B 200 -5.79 21.18 -12.83
N TYR B 201 -6.30 20.36 -13.75
CA TYR B 201 -7.18 19.27 -13.37
C TYR B 201 -6.89 17.94 -14.04
N GLY B 202 -6.11 17.91 -15.12
CA GLY B 202 -5.76 16.64 -15.75
C GLY B 202 -4.66 15.93 -14.98
N LEU B 203 -4.85 14.65 -14.72
CA LEU B 203 -3.90 13.86 -13.94
C LEU B 203 -4.05 12.40 -14.34
N SER B 204 -2.95 11.78 -14.77
CA SER B 204 -3.02 10.42 -15.30
C SER B 204 -1.71 9.68 -15.05
N TRP B 205 -1.80 8.54 -14.37
CA TRP B 205 -0.67 7.66 -14.18
C TRP B 205 -0.56 6.71 -15.37
N ASN B 206 0.66 6.46 -15.82
CA ASN B 206 0.87 5.50 -16.90
C ASN B 206 0.65 4.09 -16.36
N PRO B 207 -0.37 3.35 -16.85
CA PRO B 207 -0.64 2.02 -16.31
C PRO B 207 0.31 0.94 -16.80
N ASN B 208 1.23 1.26 -17.70
CA ASN B 208 2.20 0.30 -18.20
C ASN B 208 3.64 0.72 -17.95
N LEU B 209 3.86 1.93 -17.42
CA LEU B 209 5.18 2.39 -17.02
C LEU B 209 5.03 2.96 -15.61
N SER B 210 5.46 2.19 -14.62
CA SER B 210 5.26 2.56 -13.23
C SER B 210 5.95 3.87 -12.89
N GLY B 211 5.19 4.80 -12.33
CA GLY B 211 5.73 6.07 -11.86
C GLY B 211 5.70 7.19 -12.88
N HIS B 212 5.21 6.95 -14.08
CA HIS B 212 5.15 7.99 -15.12
C HIS B 212 3.83 8.73 -14.99
N LEU B 213 3.88 9.97 -14.53
CA LEU B 213 2.70 10.76 -14.24
C LEU B 213 2.58 11.92 -15.22
N LEU B 214 1.37 12.11 -15.74
CA LEU B 214 1.05 13.24 -16.60
C LEU B 214 0.12 14.20 -15.87
N SER B 215 0.23 15.48 -16.23
CA SER B 215 -0.58 16.53 -15.60
C SER B 215 -0.89 17.60 -16.64
N ALA B 216 -2.15 18.00 -16.70
CA ALA B 216 -2.59 19.14 -17.49
C ALA B 216 -2.87 20.33 -16.57
N SER B 217 -2.63 21.54 -17.09
CA SER B 217 -2.74 22.74 -16.27
C SER B 217 -3.35 23.88 -17.07
N ASP B 218 -3.64 24.98 -16.36
CA ASP B 218 -4.17 26.19 -16.96
C ASP B 218 -3.12 27.01 -17.70
N ASP B 219 -1.84 26.65 -17.57
CA ASP B 219 -0.75 27.34 -18.23
C ASP B 219 -0.53 26.87 -19.68
N HIS B 220 -1.49 26.13 -20.23
CA HIS B 220 -1.50 25.60 -21.59
C HIS B 220 -0.50 24.47 -21.81
N THR B 221 0.07 23.91 -20.75
CA THR B 221 1.12 22.90 -20.91
C THR B 221 0.72 21.59 -20.24
N ILE B 222 1.34 20.51 -20.71
CA ILE B 222 1.24 19.19 -20.08
C ILE B 222 2.62 18.81 -19.58
N CYS B 223 2.70 18.40 -18.31
CA CYS B 223 3.96 18.02 -17.70
C CYS B 223 4.01 16.52 -17.46
N LEU B 224 5.22 15.97 -17.56
CA LEU B 224 5.44 14.55 -17.39
C LEU B 224 6.58 14.34 -16.39
N TRP B 225 6.35 13.47 -15.41
CA TRP B 225 7.36 13.10 -14.43
C TRP B 225 7.51 11.59 -14.39
N ASP B 226 8.74 11.15 -14.10
CA ASP B 226 9.02 9.74 -13.81
C ASP B 226 9.57 9.68 -12.39
N ILE B 227 8.72 9.26 -11.46
CA ILE B 227 9.08 9.21 -10.05
C ILE B 227 9.40 7.78 -9.60
N SER B 228 9.70 6.89 -10.56
CA SER B 228 9.90 5.48 -10.21
C SER B 228 11.18 5.29 -9.39
N ALA B 229 12.25 6.00 -9.75
CA ALA B 229 13.54 5.87 -9.08
C ALA B 229 13.91 7.11 -8.29
N VAL B 230 12.92 7.87 -7.84
CA VAL B 230 13.14 9.11 -7.10
C VAL B 230 12.89 8.85 -5.62
N PRO B 231 13.83 9.14 -4.74
CA PRO B 231 13.57 8.98 -3.29
C PRO B 231 12.51 9.95 -2.82
N LYS B 232 11.49 9.41 -2.15
CA LYS B 232 10.39 10.21 -1.62
C LYS B 232 10.82 10.82 -0.30
N GLU B 233 11.57 11.93 -0.39
CA GLU B 233 12.08 12.63 0.77
C GLU B 233 11.53 14.06 0.86
N GLY B 234 10.38 14.31 0.24
CA GLY B 234 9.78 15.63 0.27
C GLY B 234 10.44 16.66 -0.62
N LYS B 235 11.42 16.27 -1.41
CA LYS B 235 12.15 17.21 -2.25
C LYS B 235 11.36 17.53 -3.52
N VAL B 236 11.94 18.37 -4.37
CA VAL B 236 11.30 18.84 -5.59
C VAL B 236 11.82 18.02 -6.76
N VAL B 237 10.91 17.57 -7.62
CA VAL B 237 11.25 16.85 -8.85
C VAL B 237 10.85 17.71 -10.03
N ASP B 238 11.80 18.03 -10.89
CA ASP B 238 11.51 18.81 -12.09
C ASP B 238 10.89 17.92 -13.16
N ALA B 239 10.16 18.55 -14.08
CA ALA B 239 9.47 17.82 -15.13
C ALA B 239 10.48 17.21 -16.10
N LYS B 240 10.25 15.95 -16.45
CA LYS B 240 11.07 15.30 -17.47
C LYS B 240 10.78 15.86 -18.85
N THR B 241 9.51 16.16 -19.14
CA THR B 241 9.10 16.66 -20.44
C THR B 241 7.89 17.55 -20.26
N ILE B 242 7.87 18.67 -20.97
CA ILE B 242 6.75 19.60 -20.97
C ILE B 242 6.24 19.73 -22.40
N PHE B 243 5.01 19.30 -22.64
CA PHE B 243 4.38 19.39 -23.95
C PHE B 243 3.61 20.70 -24.06
N THR B 244 3.83 21.43 -25.15
CA THR B 244 3.31 22.79 -25.29
C THR B 244 2.52 22.96 -26.59
N GLY B 245 1.83 21.91 -27.04
CA GLY B 245 1.10 22.01 -28.29
C GLY B 245 -0.16 22.86 -28.20
N HIS B 246 -0.84 22.81 -27.05
CA HIS B 246 -2.09 23.54 -26.90
C HIS B 246 -1.84 25.04 -26.83
N THR B 247 -2.87 25.81 -27.19
CA THR B 247 -2.83 27.27 -27.12
C THR B 247 -3.85 27.82 -26.12
N ALA B 248 -4.36 26.97 -25.24
CA ALA B 248 -5.35 27.37 -24.24
C ALA B 248 -5.24 26.43 -23.05
N VAL B 249 -6.09 26.67 -22.05
CA VAL B 249 -6.08 25.88 -20.83
C VAL B 249 -6.29 24.41 -21.18
N VAL B 250 -5.36 23.55 -20.77
CA VAL B 250 -5.51 22.12 -20.96
C VAL B 250 -6.33 21.57 -19.80
N GLU B 251 -7.53 21.08 -20.10
CA GLU B 251 -8.45 20.68 -19.05
C GLU B 251 -8.21 19.26 -18.57
N ASP B 252 -7.82 18.36 -19.46
CA ASP B 252 -7.67 16.96 -19.08
C ASP B 252 -6.54 16.32 -19.88
N VAL B 253 -6.00 15.25 -19.33
CA VAL B 253 -4.96 14.46 -19.98
C VAL B 253 -5.10 13.03 -19.49
N SER B 254 -4.83 12.08 -20.39
CA SER B 254 -4.99 10.68 -20.03
C SER B 254 -4.01 9.84 -20.84
N TRP B 255 -3.27 8.97 -20.17
CA TRP B 255 -2.46 7.98 -20.85
C TRP B 255 -3.36 7.02 -21.62
N HIS B 256 -2.84 6.51 -22.73
CA HIS B 256 -3.47 5.35 -23.34
C HIS B 256 -3.32 4.14 -22.42
N LEU B 257 -4.31 3.26 -22.45
CA LEU B 257 -4.34 2.13 -21.52
C LEU B 257 -3.59 0.92 -22.04
N LEU B 258 -3.21 0.89 -23.31
CA LEU B 258 -2.50 -0.24 -23.89
C LEU B 258 -1.10 0.12 -24.36
N HIS B 259 -0.93 1.25 -25.04
CA HIS B 259 0.36 1.63 -25.61
C HIS B 259 1.02 2.67 -24.71
N GLU B 260 2.15 2.29 -24.11
CA GLU B 260 2.74 3.07 -23.03
C GLU B 260 3.27 4.43 -23.48
N SER B 261 3.42 4.65 -24.79
CA SER B 261 3.97 5.91 -25.28
C SER B 261 2.91 6.92 -25.68
N LEU B 262 1.65 6.50 -25.78
CA LEU B 262 0.58 7.34 -26.32
C LEU B 262 -0.25 7.94 -25.18
N PHE B 263 -0.63 9.20 -25.34
CA PHE B 263 -1.56 9.83 -24.42
C PHE B 263 -2.32 10.93 -25.14
N GLY B 264 -3.48 11.27 -24.61
CA GLY B 264 -4.36 12.26 -25.20
C GLY B 264 -4.58 13.42 -24.25
N SER B 265 -4.88 14.58 -24.82
CA SER B 265 -5.10 15.80 -24.06
C SER B 265 -6.19 16.61 -24.72
N VAL B 266 -7.00 17.27 -23.90
CA VAL B 266 -8.06 18.15 -24.37
C VAL B 266 -7.93 19.49 -23.66
N ALA B 267 -8.31 20.56 -24.35
CA ALA B 267 -8.01 21.90 -23.89
C ALA B 267 -9.15 22.84 -24.25
N ASP B 268 -9.05 24.08 -23.73
CA ASP B 268 -10.04 25.11 -24.04
C ASP B 268 -9.94 25.61 -25.47
N ASP B 269 -8.93 25.19 -26.22
CA ASP B 269 -8.79 25.53 -27.63
C ASP B 269 -9.73 24.71 -28.52
N GLN B 270 -10.63 23.93 -27.93
CA GLN B 270 -11.57 23.06 -28.61
C GLN B 270 -10.90 21.87 -29.31
N LYS B 271 -9.66 21.57 -28.97
CA LYS B 271 -8.88 20.55 -29.67
C LYS B 271 -8.67 19.32 -28.81
N LEU B 272 -8.73 18.17 -29.47
CA LEU B 272 -8.33 16.90 -28.84
C LEU B 272 -6.98 16.57 -29.47
N MET B 273 -5.96 16.33 -28.67
CA MET B 273 -4.60 16.09 -29.22
C MET B 273 -4.03 14.74 -28.76
N ILE B 274 -3.49 13.96 -29.69
CA ILE B 274 -2.85 12.67 -29.37
C ILE B 274 -1.34 12.86 -29.43
N TRP B 275 -0.63 12.41 -28.40
CA TRP B 275 0.81 12.58 -28.31
C TRP B 275 1.52 11.24 -28.25
N ASP B 276 2.80 11.27 -28.60
CA ASP B 276 3.69 10.11 -28.50
C ASP B 276 4.96 10.55 -27.77
N THR B 277 5.23 9.92 -26.62
CA THR B 277 6.42 10.30 -25.86
C THR B 277 7.72 9.99 -26.62
N ARG B 278 7.66 9.13 -27.64
CA ARG B 278 8.85 8.84 -28.44
C ARG B 278 9.24 10.00 -29.34
N SER B 279 8.32 10.91 -29.63
CA SER B 279 8.63 12.01 -30.52
C SER B 279 9.52 13.04 -29.84
N ASN B 280 10.54 13.50 -30.57
CA ASN B 280 11.44 14.52 -30.05
C ASN B 280 10.81 15.90 -30.03
N ASN B 281 9.78 16.14 -30.83
CA ASN B 281 9.12 17.44 -30.89
C ASN B 281 7.99 17.46 -29.87
N THR B 282 8.21 18.17 -28.76
CA THR B 282 7.21 18.33 -27.72
C THR B 282 6.32 19.54 -27.95
N SER B 283 6.41 20.19 -29.11
CA SER B 283 5.64 21.39 -29.41
C SER B 283 4.43 21.11 -30.30
N LYS B 284 4.37 19.95 -30.95
CA LYS B 284 3.21 19.58 -31.74
C LYS B 284 2.89 18.11 -31.49
N PRO B 285 1.62 17.74 -31.45
CA PRO B 285 1.24 16.35 -31.19
C PRO B 285 1.32 15.52 -32.47
N SER B 286 0.95 14.25 -32.34
CA SER B 286 0.84 13.38 -33.51
C SER B 286 -0.42 13.68 -34.30
N HIS B 287 -1.50 14.07 -33.61
CA HIS B 287 -2.75 14.42 -34.26
C HIS B 287 -3.40 15.57 -33.52
N SER B 288 -3.96 16.52 -34.26
CA SER B 288 -4.69 17.65 -33.70
C SER B 288 -6.06 17.69 -34.35
N VAL B 289 -7.11 17.65 -33.51
CA VAL B 289 -8.49 17.54 -34.03
C VAL B 289 -9.41 18.63 -33.47
N ASP B 290 -10.13 19.35 -34.32
CA ASP B 290 -11.15 20.29 -33.83
C ASP B 290 -12.28 19.40 -33.31
N ALA B 291 -12.23 19.06 -32.03
CA ALA B 291 -13.17 18.06 -31.49
C ALA B 291 -14.54 18.62 -31.19
N HIS B 292 -14.60 19.88 -30.82
CA HIS B 292 -15.89 20.40 -30.37
C HIS B 292 -16.05 21.85 -30.81
N THR B 293 -17.27 22.34 -30.67
CA THR B 293 -17.59 23.73 -30.93
C THR B 293 -17.43 24.60 -29.69
N ALA B 294 -16.82 24.07 -28.64
CA ALA B 294 -16.56 24.81 -27.41
C ALA B 294 -15.41 24.13 -26.69
N GLU B 295 -15.11 24.61 -25.48
CA GLU B 295 -14.03 24.04 -24.69
C GLU B 295 -14.28 22.57 -24.40
N VAL B 296 -13.19 21.79 -24.35
CA VAL B 296 -13.24 20.36 -24.08
C VAL B 296 -12.64 20.12 -22.70
N ASN B 297 -13.42 19.48 -21.82
CA ASN B 297 -13.04 19.39 -20.41
C ASN B 297 -12.52 18.02 -20.00
N CYS B 298 -12.84 16.97 -20.76
CA CYS B 298 -12.49 15.63 -20.31
C CYS B 298 -12.31 14.71 -21.50
N LEU B 299 -11.57 13.63 -21.27
CA LEU B 299 -11.38 12.59 -22.26
C LEU B 299 -11.19 11.28 -21.52
N SER B 300 -11.45 10.17 -22.22
CA SER B 300 -11.38 8.85 -21.62
C SER B 300 -11.22 7.82 -22.72
N PHE B 301 -10.19 6.99 -22.61
CA PHE B 301 -9.96 5.92 -23.58
C PHE B 301 -10.76 4.69 -23.22
N ASN B 302 -11.32 4.04 -24.23
CA ASN B 302 -12.06 2.81 -24.01
C ASN B 302 -11.11 1.72 -23.55
N PRO B 303 -11.39 1.06 -22.41
CA PRO B 303 -10.45 0.06 -21.89
C PRO B 303 -10.45 -1.26 -22.64
N TYR B 304 -11.43 -1.49 -23.52
CA TYR B 304 -11.50 -2.71 -24.30
C TYR B 304 -11.25 -2.50 -25.78
N SER B 305 -11.34 -1.25 -26.27
CA SER B 305 -11.13 -0.93 -27.68
C SER B 305 -10.00 0.08 -27.77
N GLU B 306 -8.83 -0.38 -28.23
CA GLU B 306 -7.62 0.43 -28.18
C GLU B 306 -7.66 1.62 -29.13
N PHE B 307 -8.66 1.71 -30.02
CA PHE B 307 -8.77 2.84 -30.94
C PHE B 307 -9.88 3.81 -30.58
N ILE B 308 -10.67 3.52 -29.55
CA ILE B 308 -11.87 4.29 -29.24
C ILE B 308 -11.62 5.13 -27.98
N LEU B 309 -12.07 6.37 -28.02
CA LEU B 309 -12.03 7.26 -26.87
C LEU B 309 -13.19 8.24 -26.97
N ALA B 310 -13.49 8.89 -25.86
CA ALA B 310 -14.58 9.86 -25.80
C ALA B 310 -14.08 11.16 -25.21
N THR B 311 -14.76 12.25 -25.55
CA THR B 311 -14.45 13.56 -25.01
C THR B 311 -15.74 14.26 -24.61
N GLY B 312 -15.69 15.02 -23.52
CA GLY B 312 -16.83 15.80 -23.04
C GLY B 312 -16.47 17.27 -23.08
N SER B 313 -17.46 18.11 -23.42
CA SER B 313 -17.15 19.48 -23.79
C SER B 313 -18.20 20.44 -23.23
N ALA B 314 -17.85 21.72 -23.24
CA ALA B 314 -18.79 22.77 -22.90
C ALA B 314 -19.90 22.93 -23.93
N ASP B 315 -19.82 22.23 -25.06
CA ASP B 315 -20.90 22.28 -26.04
C ASP B 315 -22.05 21.33 -25.71
N LYS B 316 -22.01 20.73 -24.52
CA LYS B 316 -23.03 19.83 -23.96
C LYS B 316 -23.05 18.45 -24.62
N THR B 317 -22.05 18.11 -25.43
CA THR B 317 -22.03 16.84 -26.11
C THR B 317 -20.83 16.01 -25.65
N VAL B 318 -20.95 14.70 -25.88
CA VAL B 318 -19.83 13.76 -25.76
C VAL B 318 -19.52 13.27 -27.16
N ALA B 319 -18.27 13.39 -27.58
CA ALA B 319 -17.85 13.00 -28.93
C ALA B 319 -17.15 11.64 -28.87
N LEU B 320 -17.51 10.76 -29.80
CA LEU B 320 -16.89 9.45 -29.92
C LEU B 320 -15.81 9.51 -31.00
N TRP B 321 -14.63 9.02 -30.68
CA TRP B 321 -13.48 9.16 -31.57
C TRP B 321 -12.85 7.81 -31.88
N ASP B 322 -12.35 7.70 -33.11
CA ASP B 322 -11.52 6.58 -33.54
C ASP B 322 -10.14 7.13 -33.87
N LEU B 323 -9.12 6.62 -33.17
CA LEU B 323 -7.76 7.10 -33.39
C LEU B 323 -7.27 6.85 -34.81
N ARG B 324 -7.90 5.92 -35.54
CA ARG B 324 -7.43 5.60 -36.87
C ARG B 324 -7.84 6.65 -37.90
N ASN B 325 -8.96 7.32 -37.68
CA ASN B 325 -9.41 8.40 -38.57
C ASN B 325 -10.05 9.48 -37.69
N LEU B 326 -9.20 10.36 -37.16
CA LEU B 326 -9.67 11.40 -36.26
C LEU B 326 -10.33 12.57 -36.98
N LYS B 327 -10.31 12.58 -38.32
CA LYS B 327 -10.93 13.67 -39.05
C LYS B 327 -12.44 13.58 -39.05
N LEU B 328 -13.02 12.45 -38.67
CA LEU B 328 -14.46 12.23 -38.68
C LEU B 328 -14.89 11.73 -37.31
N LYS B 329 -15.64 12.55 -36.59
CA LYS B 329 -16.18 12.15 -35.31
C LYS B 329 -17.19 11.01 -35.50
N LEU B 330 -17.04 9.94 -34.71
CA LEU B 330 -17.89 8.77 -34.90
C LEU B 330 -19.33 9.05 -34.48
N HIS B 331 -19.51 9.70 -33.34
CA HIS B 331 -20.85 9.93 -32.81
C HIS B 331 -20.82 11.14 -31.90
N SER B 332 -22.00 11.74 -31.69
CA SER B 332 -22.15 12.86 -30.74
C SER B 332 -23.27 12.46 -29.78
N PHE B 333 -22.91 12.29 -28.51
CA PHE B 333 -23.91 11.95 -27.49
C PHE B 333 -24.55 13.25 -26.99
N GLU B 334 -25.85 13.38 -27.18
CA GLU B 334 -26.53 14.65 -26.85
C GLU B 334 -27.71 14.40 -25.90
N SER B 335 -27.78 15.17 -24.82
CA SER B 335 -28.87 15.04 -23.81
C SER B 335 -28.53 15.99 -22.66
N HIS B 336 -27.23 16.26 -22.49
CA HIS B 336 -26.77 17.19 -21.44
C HIS B 336 -27.24 18.61 -21.75
N LYS B 337 -27.82 19.29 -20.76
CA LYS B 337 -28.38 20.64 -20.98
C LYS B 337 -27.34 21.70 -20.58
N ASP B 338 -26.13 21.25 -20.27
CA ASP B 338 -25.04 22.19 -19.89
C ASP B 338 -23.66 21.56 -20.06
N GLU B 339 -22.64 22.28 -19.62
CA GLU B 339 -21.25 21.88 -19.85
C GLU B 339 -20.90 20.59 -19.11
N ILE B 340 -20.17 19.72 -19.79
CA ILE B 340 -19.78 18.41 -19.27
C ILE B 340 -18.37 18.50 -18.69
N PHE B 341 -18.21 18.03 -17.45
CA PHE B 341 -16.94 18.09 -16.75
C PHE B 341 -16.18 16.77 -16.72
N GLN B 342 -16.86 15.62 -16.81
CA GLN B 342 -16.19 14.34 -16.70
C GLN B 342 -16.83 13.31 -17.61
N VAL B 343 -16.01 12.45 -18.20
CA VAL B 343 -16.47 11.32 -18.99
C VAL B 343 -15.64 10.09 -18.60
N GLN B 344 -16.32 8.97 -18.39
CA GLN B 344 -15.67 7.75 -17.93
C GLN B 344 -16.27 6.54 -18.61
N TRP B 345 -15.41 5.65 -19.12
CA TRP B 345 -15.86 4.38 -19.66
C TRP B 345 -16.10 3.38 -18.53
N SER B 346 -17.07 2.50 -18.74
CA SER B 346 -17.33 1.45 -17.78
C SER B 346 -16.18 0.44 -17.80
N PRO B 347 -15.69 0.00 -16.62
CA PRO B 347 -14.59 -0.96 -16.59
C PRO B 347 -15.02 -2.39 -16.93
N HIS B 348 -16.31 -2.66 -17.04
CA HIS B 348 -16.81 -4.01 -17.27
C HIS B 348 -17.48 -4.20 -18.63
N ASN B 349 -18.14 -3.17 -19.17
CA ASN B 349 -18.90 -3.30 -20.40
C ASN B 349 -18.34 -2.34 -21.44
N GLU B 350 -17.93 -2.90 -22.59
CA GLU B 350 -17.21 -2.13 -23.60
C GLU B 350 -18.07 -1.07 -24.28
N THR B 351 -19.39 -1.22 -24.25
CA THR B 351 -20.30 -0.29 -24.93
C THR B 351 -20.90 0.74 -23.99
N ILE B 352 -20.54 0.71 -22.71
CA ILE B 352 -21.15 1.56 -21.69
C ILE B 352 -20.22 2.71 -21.37
N LEU B 353 -20.76 3.93 -21.37
CA LEU B 353 -20.00 5.15 -21.14
C LEU B 353 -20.85 6.09 -20.29
N ALA B 354 -20.19 6.84 -19.42
CA ALA B 354 -20.88 7.76 -18.52
C ALA B 354 -20.29 9.15 -18.63
N SER B 355 -21.15 10.16 -18.45
CA SER B 355 -20.75 11.55 -18.53
C SER B 355 -21.52 12.34 -17.47
N SER B 356 -20.86 13.37 -16.94
CA SER B 356 -21.45 14.20 -15.91
C SER B 356 -20.92 15.62 -16.04
N GLY B 357 -21.63 16.56 -15.42
CA GLY B 357 -21.21 17.94 -15.52
C GLY B 357 -22.13 18.95 -14.86
N THR B 358 -22.13 20.17 -15.40
CA THR B 358 -22.76 21.31 -14.76
C THR B 358 -24.28 21.28 -14.79
N ASP B 359 -24.89 20.41 -15.59
CA ASP B 359 -26.34 20.33 -15.62
C ASP B 359 -26.90 19.45 -14.51
N ARG B 360 -26.07 19.10 -13.52
CA ARG B 360 -26.45 18.29 -12.36
C ARG B 360 -26.90 16.89 -12.74
N ARG B 361 -26.53 16.43 -13.93
CA ARG B 361 -26.95 15.14 -14.44
C ARG B 361 -25.74 14.26 -14.67
N LEU B 362 -25.91 12.96 -14.41
CA LEU B 362 -24.95 11.94 -14.82
C LEU B 362 -25.67 11.03 -15.81
N ASN B 363 -25.24 11.05 -17.06
CA ASN B 363 -25.83 10.25 -18.12
C ASN B 363 -24.99 9.00 -18.35
N VAL B 364 -25.66 7.88 -18.57
CA VAL B 364 -25.01 6.61 -18.92
C VAL B 364 -25.43 6.25 -20.33
N TRP B 365 -24.44 6.02 -21.20
CA TRP B 365 -24.69 5.80 -22.61
C TRP B 365 -24.34 4.36 -23.00
N ASP B 366 -25.17 3.79 -23.87
CA ASP B 366 -24.95 2.46 -24.43
C ASP B 366 -24.80 2.61 -25.93
N LEU B 367 -23.56 2.67 -26.41
CA LEU B 367 -23.33 2.94 -27.82
C LEU B 367 -23.75 1.78 -28.72
N SER B 368 -23.96 0.60 -28.16
CA SER B 368 -24.52 -0.49 -28.94
C SER B 368 -25.97 -0.22 -29.35
N LYS B 369 -26.62 0.78 -28.77
CA LYS B 369 -27.97 1.17 -29.14
C LYS B 369 -28.00 2.39 -30.06
N ILE B 370 -26.84 2.77 -30.60
CA ILE B 370 -26.78 3.87 -31.55
C ILE B 370 -27.51 3.49 -32.83
N GLY B 371 -28.36 4.38 -33.32
CA GLY B 371 -29.09 4.15 -34.55
C GLY B 371 -30.30 3.26 -34.42
N GLU B 372 -30.66 2.85 -33.21
CA GLU B 372 -31.82 2.01 -33.02
C GLU B 372 -33.10 2.74 -33.41
N GLU B 373 -34.08 1.98 -33.88
CA GLU B 373 -35.40 2.54 -34.15
C GLU B 373 -36.07 2.95 -32.84
N GLN B 374 -36.82 4.04 -32.88
CA GLN B 374 -37.40 4.61 -31.66
C GLN B 374 -38.83 5.02 -31.91
N SER B 375 -39.69 4.78 -30.92
CA SER B 375 -41.05 5.27 -30.95
C SER B 375 -41.06 6.78 -30.73
N PRO B 376 -42.11 7.46 -31.19
CA PRO B 376 -42.17 8.93 -30.98
C PRO B 376 -42.17 9.32 -29.51
N GLU B 377 -42.83 8.55 -28.66
CA GLU B 377 -42.88 8.89 -27.23
C GLU B 377 -41.52 8.69 -26.57
N ASP B 378 -40.86 7.57 -26.85
CA ASP B 378 -39.55 7.32 -26.26
C ASP B 378 -38.48 8.25 -26.83
N ALA B 379 -38.70 8.76 -28.05
CA ALA B 379 -37.76 9.70 -28.64
C ALA B 379 -37.75 11.04 -27.92
N GLU B 380 -38.84 11.39 -27.24
CA GLU B 380 -38.86 12.64 -26.48
C GLU B 380 -37.97 12.55 -25.25
N ASP B 381 -37.87 11.38 -24.63
CA ASP B 381 -37.02 11.21 -23.46
C ASP B 381 -35.54 11.30 -23.80
N GLY B 382 -35.15 11.02 -25.05
CA GLY B 382 -33.78 11.11 -25.46
C GLY B 382 -33.44 10.13 -26.56
N PRO B 383 -32.19 10.13 -27.00
CA PRO B 383 -31.76 9.20 -28.05
C PRO B 383 -31.76 7.77 -27.56
N PRO B 384 -31.75 6.78 -28.45
CA PRO B 384 -31.81 5.39 -27.99
C PRO B 384 -30.58 4.96 -27.20
N GLU B 385 -29.42 5.54 -27.47
CA GLU B 385 -28.20 5.19 -26.76
C GLU B 385 -28.13 5.79 -25.36
N LEU B 386 -29.14 6.54 -24.95
CA LEU B 386 -29.19 7.08 -23.58
C LEU B 386 -29.78 6.01 -22.69
N LEU B 387 -28.94 5.36 -21.89
CA LEU B 387 -29.39 4.28 -21.04
C LEU B 387 -30.07 4.80 -19.79
N PHE B 388 -29.44 5.75 -19.11
CA PHE B 388 -29.88 6.15 -17.78
C PHE B 388 -29.50 7.60 -17.54
N ILE B 389 -30.38 8.32 -16.86
CA ILE B 389 -30.11 9.68 -16.39
C ILE B 389 -30.17 9.63 -14.87
N HIS B 390 -29.03 9.82 -14.22
CA HIS B 390 -28.97 9.92 -12.77
C HIS B 390 -29.24 11.37 -12.38
N GLY B 391 -30.36 11.61 -11.72
CA GLY B 391 -30.72 12.95 -11.30
C GLY B 391 -30.72 13.13 -9.80
N GLY B 392 -29.86 12.38 -9.10
CA GLY B 392 -29.83 12.44 -7.64
C GLY B 392 -29.11 13.63 -7.07
N HIS B 393 -28.28 14.30 -7.88
CA HIS B 393 -27.53 15.45 -7.40
C HIS B 393 -28.31 16.74 -7.65
N THR B 394 -28.32 17.61 -6.65
CA THR B 394 -28.95 18.92 -6.75
C THR B 394 -27.94 20.04 -6.96
N ALA B 395 -26.72 19.70 -7.40
CA ALA B 395 -25.70 20.69 -7.70
C ALA B 395 -24.81 20.13 -8.80
N LYS B 396 -23.88 20.96 -9.26
CA LYS B 396 -22.98 20.54 -10.33
C LYS B 396 -22.14 19.35 -9.88
N ILE B 397 -22.06 18.34 -10.73
CA ILE B 397 -21.27 17.15 -10.43
C ILE B 397 -19.83 17.42 -10.83
N SER B 398 -18.90 17.29 -9.88
CA SER B 398 -17.51 17.59 -10.15
C SER B 398 -16.75 16.39 -10.70
N ASP B 399 -17.03 15.19 -10.19
CA ASP B 399 -16.32 14.00 -10.61
C ASP B 399 -17.15 12.78 -10.25
N PHE B 400 -16.84 11.66 -10.88
CA PHE B 400 -17.47 10.39 -10.57
C PHE B 400 -16.52 9.26 -10.96
N SER B 401 -16.72 8.10 -10.33
CA SER B 401 -15.84 6.97 -10.54
C SER B 401 -16.65 5.68 -10.60
N TRP B 402 -16.38 4.87 -11.62
CA TRP B 402 -16.99 3.54 -11.71
C TRP B 402 -16.32 2.60 -10.70
N ASN B 403 -17.13 1.90 -9.92
CA ASN B 403 -16.59 0.90 -9.01
C ASN B 403 -15.98 -0.24 -9.81
N PRO B 404 -14.69 -0.55 -9.62
CA PRO B 404 -14.05 -1.58 -10.46
C PRO B 404 -14.37 -3.00 -10.06
N ASN B 405 -14.77 -3.24 -8.81
CA ASN B 405 -15.08 -4.58 -8.32
C ASN B 405 -16.57 -4.90 -8.35
N GLU B 406 -17.43 -3.89 -8.29
CA GLU B 406 -18.88 -4.10 -8.33
C GLU B 406 -19.44 -3.46 -9.59
N PRO B 407 -19.86 -4.25 -10.58
CA PRO B 407 -20.31 -3.65 -11.85
C PRO B 407 -21.54 -2.77 -11.67
N TRP B 408 -21.57 -1.66 -12.41
CA TRP B 408 -22.64 -0.68 -12.48
C TRP B 408 -22.76 0.17 -11.23
N VAL B 409 -21.95 -0.07 -10.21
CA VAL B 409 -21.93 0.81 -9.04
C VAL B 409 -21.08 2.02 -9.37
N ILE B 410 -21.58 3.21 -9.04
CA ILE B 410 -20.94 4.48 -9.35
C ILE B 410 -20.96 5.35 -8.10
N CYS B 411 -19.85 6.04 -7.84
CA CYS B 411 -19.81 7.11 -6.86
C CYS B 411 -19.63 8.43 -7.58
N SER B 412 -20.50 9.40 -7.29
CA SER B 412 -20.41 10.73 -7.85
C SER B 412 -20.47 11.76 -6.74
N VAL B 413 -19.71 12.84 -6.89
CA VAL B 413 -19.65 13.91 -5.91
C VAL B 413 -20.06 15.21 -6.57
N SER B 414 -20.77 16.06 -5.83
CA SER B 414 -21.32 17.29 -6.36
C SER B 414 -20.83 18.48 -5.54
N GLU B 415 -21.21 19.68 -5.99
CA GLU B 415 -20.73 20.93 -5.42
C GLU B 415 -21.39 21.24 -4.08
N ASP B 416 -22.52 20.63 -3.76
CA ASP B 416 -23.22 20.86 -2.50
C ASP B 416 -22.81 19.87 -1.42
N ASN B 417 -21.58 19.35 -1.47
CA ASN B 417 -20.98 18.45 -0.49
C ASN B 417 -21.55 17.04 -0.56
N ILE B 418 -22.43 16.76 -1.51
CA ILE B 418 -23.09 15.46 -1.57
C ILE B 418 -22.21 14.46 -2.31
N MET B 419 -22.06 13.28 -1.73
CA MET B 419 -21.40 12.15 -2.39
C MET B 419 -22.41 11.00 -2.42
N GLN B 420 -22.66 10.47 -3.61
CA GLN B 420 -23.68 9.46 -3.81
C GLN B 420 -23.06 8.20 -4.39
N VAL B 421 -23.22 7.08 -3.68
CA VAL B 421 -22.84 5.77 -4.18
C VAL B 421 -24.12 5.07 -4.62
N TRP B 422 -24.21 4.71 -5.90
CA TRP B 422 -25.49 4.28 -6.43
C TRP B 422 -25.28 3.28 -7.56
N GLN B 423 -26.36 2.56 -7.87
CA GLN B 423 -26.34 1.55 -8.93
C GLN B 423 -27.74 1.48 -9.52
N MET B 424 -27.83 1.70 -10.83
CA MET B 424 -29.13 1.67 -11.49
C MET B 424 -29.72 0.26 -11.45
N ALA B 425 -31.02 0.18 -11.72
CA ALA B 425 -31.72 -1.10 -11.67
C ALA B 425 -31.17 -2.05 -12.73
N GLU B 426 -31.08 -3.33 -12.37
CA GLU B 426 -30.50 -4.32 -13.27
C GLU B 426 -31.32 -4.45 -14.55
N ASN B 427 -32.64 -4.38 -14.44
CA ASN B 427 -33.50 -4.54 -15.61
C ASN B 427 -33.30 -3.43 -16.65
N ILE B 428 -32.60 -2.36 -16.30
CA ILE B 428 -32.31 -1.24 -17.25
C ILE B 428 -31.24 -1.68 -18.25
N TYR B 429 -30.14 -2.27 -17.79
CA TYR B 429 -29.01 -2.70 -18.65
C TYR B 429 -29.16 -4.17 -19.04
N ASN B 430 -30.12 -4.88 -18.46
CA ASN B 430 -30.42 -6.28 -18.82
C ASN B 430 -31.59 -6.32 -19.81
N LYS C 2 -17.72 30.17 -19.97
CA LYS C 2 -17.45 28.81 -19.51
C LYS C 2 -17.58 28.68 -18.00
N HIS C 3 -18.24 27.61 -17.54
CA HIS C 3 -18.34 27.36 -16.11
C HIS C 3 -16.94 27.18 -15.52
N ARG C 4 -16.72 27.79 -14.36
CA ARG C 4 -15.50 27.51 -13.61
C ARG C 4 -15.47 26.03 -13.23
N ARG C 5 -14.27 25.43 -13.28
CA ARG C 5 -14.15 24.02 -12.91
C ARG C 5 -14.55 23.80 -11.45
N LYS C 6 -14.30 24.79 -10.59
CA LYS C 6 -14.70 24.73 -9.19
C LYS C 6 -15.36 26.04 -8.79
N GLN C 7 -16.32 25.94 -7.88
CA GLN C 7 -17.09 27.10 -7.44
C GLN C 7 -16.20 28.07 -6.65
N LYS C 8 -16.64 29.33 -6.58
CA LYS C 8 -15.87 30.35 -5.89
C LYS C 8 -15.88 30.12 -4.37
N THR C 9 -17.07 29.91 -3.80
CA THR C 9 -17.21 29.74 -2.36
C THR C 9 -17.96 28.45 -2.04
N PRO C 10 -17.25 27.38 -1.69
CA PRO C 10 -17.92 26.18 -1.20
C PRO C 10 -18.45 26.39 0.21
N LYS C 11 -19.44 25.58 0.58
CA LYS C 11 -20.08 25.70 1.87
C LYS C 11 -19.77 24.49 2.75
N LYS C 12 -19.63 24.74 4.04
CA LYS C 12 -19.37 23.71 5.03
C LYS C 12 -20.68 23.10 5.51
N PHE C 13 -20.66 21.79 5.77
CA PHE C 13 -21.84 21.10 6.27
C PHE C 13 -21.62 20.65 7.71
N LYS D 2 7.74 5.29 21.34
CA LYS D 2 8.49 4.09 20.89
C LYS D 2 9.16 4.36 19.53
N HIS D 3 10.25 3.64 19.29
CA HIS D 3 10.98 3.75 18.00
C HIS D 3 10.09 3.26 16.86
N ARG D 4 10.15 3.92 15.72
CA ARG D 4 9.45 3.42 14.54
C ARG D 4 10.02 2.07 14.13
N ARG D 5 9.15 1.16 13.71
CA ARG D 5 9.61 -0.15 13.28
C ARG D 5 10.53 -0.06 12.07
N LYS D 6 10.30 0.91 11.20
CA LYS D 6 11.16 1.16 10.05
C LYS D 6 11.45 2.65 9.93
N GLN D 7 12.64 2.97 9.44
CA GLN D 7 13.07 4.36 9.36
C GLN D 7 12.21 5.13 8.36
N LYS D 8 12.21 6.46 8.54
CA LYS D 8 11.38 7.32 7.71
C LYS D 8 11.89 7.38 6.27
N THR D 9 13.18 7.62 6.09
CA THR D 9 13.80 7.68 4.76
C THR D 9 15.02 6.77 4.72
N PRO D 10 14.91 5.58 4.14
CA PRO D 10 16.10 4.76 3.92
C PRO D 10 16.93 5.31 2.78
N LYS D 11 18.22 4.99 2.81
CA LYS D 11 19.18 5.48 1.82
C LYS D 11 19.73 4.34 0.97
N LYS D 12 20.00 4.64 -0.29
CA LYS D 12 20.57 3.68 -1.23
C LYS D 12 22.09 3.69 -1.12
N PHE D 13 22.68 2.50 -1.26
CA PHE D 13 24.13 2.36 -1.22
C PHE D 13 24.67 2.04 -2.61
#